data_7EU4
#
_entry.id   7EU4
#
_cell.length_a   128.471
_cell.length_b   128.471
_cell.length_c   163.165
_cell.angle_alpha   90.000
_cell.angle_beta   90.000
_cell.angle_gamma   120.000
#
_symmetry.space_group_name_H-M   'P 64'
#
loop_
_entity.id
_entity.type
_entity.pdbx_description
1 polymer 'Ubiquitin-like protein ATG12B'
2 polymer 'AIM12 from Autophagy-related protein 3'
#
loop_
_entity_poly.entity_id
_entity_poly.type
_entity_poly.pdbx_seq_one_letter_code
_entity_poly.pdbx_strand_id
1 'polypeptide(L)'
;GPMATESPNSVQKIVVHLRATGGAPILKQSKFKVSGSDKFANVIDFLRRQLHSDSLFVYVNSAFSPNPDESVIDLYNNFG
FDGKLVVNYACSMAWG
;
A,B,C,D,E,F,G,H,I,J,K,L,M,N
2 'polypeptide(L)' DDIPDMEEFDE O,P,Q,R
#
# COMPACT_ATOMS: atom_id res chain seq x y z
N GLN A 12 5.18 14.86 49.41
CA GLN A 12 3.95 15.66 49.19
C GLN A 12 3.74 16.00 47.70
N LYS A 13 4.83 16.15 46.93
CA LYS A 13 4.75 16.52 45.53
C LYS A 13 4.76 15.30 44.60
N ILE A 14 3.95 15.40 43.58
CA ILE A 14 3.87 14.47 42.44
C ILE A 14 4.07 15.34 41.20
N VAL A 15 4.82 14.82 40.21
CA VAL A 15 5.13 15.54 39.00
C VAL A 15 4.14 15.11 37.90
N VAL A 16 3.48 16.10 37.30
CA VAL A 16 2.44 15.88 36.31
C VAL A 16 3.01 16.31 34.95
N HIS A 17 3.10 15.37 34.01
CA HIS A 17 3.42 15.68 32.60
C HIS A 17 2.09 15.87 31.86
N LEU A 18 1.99 16.96 31.10
CA LEU A 18 0.79 17.27 30.32
C LEU A 18 1.07 17.09 28.83
N ARG A 19 0.64 15.94 28.28
CA ARG A 19 1.00 15.50 26.94
C ARG A 19 -0.12 15.90 25.98
N ALA A 20 0.23 16.69 24.96
CA ALA A 20 -0.71 17.19 23.97
C ALA A 20 -0.94 16.10 22.91
N THR A 21 -2.20 15.70 22.72
CA THR A 21 -2.56 14.71 21.72
C THR A 21 -3.51 15.36 20.71
N GLY A 22 -3.64 14.69 19.56
CA GLY A 22 -4.76 14.85 18.63
C GLY A 22 -5.04 16.28 18.23
N GLY A 23 -3.99 17.04 17.94
CA GLY A 23 -4.14 18.38 17.33
C GLY A 23 -4.33 19.47 18.37
N ALA A 24 -4.41 19.12 19.66
CA ALA A 24 -4.44 20.10 20.75
C ALA A 24 -3.12 20.86 20.79
N PRO A 25 -3.11 22.14 21.23
CA PRO A 25 -1.88 22.94 21.23
C PRO A 25 -0.87 22.45 22.26
N ILE A 26 0.42 22.65 21.96
CA ILE A 26 1.53 22.29 22.86
C ILE A 26 1.73 23.44 23.84
N LEU A 27 2.07 23.09 25.10
CA LEU A 27 2.19 24.08 26.16
C LEU A 27 3.64 24.50 26.32
N LYS A 28 3.85 25.76 26.73
CA LYS A 28 5.15 26.34 26.99
C LYS A 28 5.83 25.63 28.16
N GLN A 29 5.02 25.16 29.14
CA GLN A 29 5.56 24.39 30.27
C GLN A 29 4.75 23.09 30.43
N SER A 30 5.37 21.98 30.03
CA SER A 30 4.70 20.69 29.89
C SER A 30 4.54 19.97 31.24
N LYS A 31 5.39 20.34 32.23
CA LYS A 31 5.45 19.63 33.52
C LYS A 31 5.41 20.63 34.66
N PHE A 32 4.85 20.19 35.79
CA PHE A 32 4.88 20.93 37.04
C PHE A 32 4.77 19.91 38.20
N LYS A 33 5.31 20.28 39.36
CA LYS A 33 5.09 19.54 40.59
C LYS A 33 3.82 20.06 41.26
N VAL A 34 3.01 19.15 41.81
CA VAL A 34 1.78 19.54 42.47
C VAL A 34 1.55 18.66 43.70
N SER A 35 1.10 19.31 44.79
CA SER A 35 0.75 18.63 46.03
C SER A 35 -0.43 17.68 45.78
N GLY A 36 -0.34 16.45 46.27
CA GLY A 36 -1.27 15.39 45.90
C GLY A 36 -2.59 15.49 46.63
N SER A 37 -2.82 16.57 47.40
CA SER A 37 -4.02 16.65 48.22
C SER A 37 -5.11 17.45 47.47
N ASP A 38 -4.71 18.25 46.50
CA ASP A 38 -5.70 18.99 45.70
C ASP A 38 -6.57 18.01 44.90
N LYS A 39 -7.76 18.47 44.53
CA LYS A 39 -8.66 17.77 43.64
C LYS A 39 -8.22 17.98 42.19
N PHE A 40 -8.52 16.97 41.37
CA PHE A 40 -8.05 16.91 39.99
C PHE A 40 -8.55 18.13 39.21
N ALA A 41 -9.75 18.62 39.54
CA ALA A 41 -10.34 19.83 38.94
C ALA A 41 -9.26 20.93 38.79
N ASN A 42 -8.45 21.10 39.84
CA ASN A 42 -7.36 22.10 39.83
C ASN A 42 -6.52 21.96 38.55
N VAL A 43 -6.17 20.72 38.19
CA VAL A 43 -5.31 20.42 37.05
C VAL A 43 -6.08 20.77 35.77
N ILE A 44 -7.37 20.43 35.71
CA ILE A 44 -8.18 20.62 34.52
C ILE A 44 -8.36 22.13 34.28
N ASP A 45 -8.76 22.84 35.35
CA ASP A 45 -8.97 24.28 35.28
C ASP A 45 -7.69 24.97 34.80
N PHE A 46 -6.54 24.48 35.27
CA PHE A 46 -5.24 25.05 34.95
C PHE A 46 -4.95 24.91 33.45
N LEU A 47 -5.28 23.74 32.86
CA LEU A 47 -5.16 23.52 31.42
C LEU A 47 -5.98 24.57 30.66
N ARG A 48 -7.27 24.70 31.04
CA ARG A 48 -8.21 25.50 30.28
C ARG A 48 -7.74 26.97 30.30
N ARG A 49 -7.21 27.41 31.45
CA ARG A 49 -6.66 28.75 31.64
C ARG A 49 -5.57 29.01 30.59
N GLN A 50 -4.73 28.00 30.32
CA GLN A 50 -3.58 28.15 29.42
C GLN A 50 -3.99 27.97 27.96
N LEU A 51 -5.01 27.15 27.68
CA LEU A 51 -5.39 26.78 26.31
C LEU A 51 -6.42 27.78 25.72
N HIS A 52 -7.39 28.25 26.53
CA HIS A 52 -8.50 29.06 26.06
C HIS A 52 -9.25 28.36 24.93
N SER A 53 -9.51 27.05 25.10
CA SER A 53 -10.20 26.23 24.12
C SER A 53 -11.53 25.78 24.73
N ASP A 54 -12.62 25.96 23.98
CA ASP A 54 -13.96 25.54 24.37
C ASP A 54 -13.99 24.04 24.69
N SER A 55 -13.59 23.23 23.70
CA SER A 55 -13.53 21.78 23.88
C SER A 55 -12.21 21.39 24.55
N LEU A 56 -12.27 20.48 25.52
CA LEU A 56 -11.10 19.83 26.04
C LEU A 56 -11.47 18.52 26.74
N PHE A 57 -10.86 17.42 26.24
CA PHE A 57 -10.89 16.10 26.86
C PHE A 57 -9.60 15.89 27.67
N VAL A 58 -9.73 15.32 28.87
CA VAL A 58 -8.59 14.99 29.72
C VAL A 58 -8.74 13.54 30.20
N TYR A 59 -7.77 12.72 29.84
CA TYR A 59 -7.88 11.29 30.03
C TYR A 59 -6.50 10.66 30.28
N VAL A 60 -6.54 9.49 30.89
CA VAL A 60 -5.38 8.74 31.35
C VAL A 60 -5.54 7.33 30.77
N ASN A 61 -4.44 6.69 30.41
CA ASN A 61 -4.45 5.27 30.08
C ASN A 61 -4.86 4.45 31.32
N SER A 62 -5.40 3.26 31.04
CA SER A 62 -5.98 2.36 31.97
C SER A 62 -6.06 0.97 31.32
N ALA A 63 -6.05 -0.09 32.16
CA ALA A 63 -6.39 -1.43 31.73
C ALA A 63 -7.84 -1.76 32.08
N PHE A 64 -8.42 -2.68 31.31
CA PHE A 64 -9.83 -3.04 31.40
C PHE A 64 -9.97 -4.54 31.12
N SER A 65 -10.48 -5.27 32.13
CA SER A 65 -10.61 -6.72 32.08
C SER A 65 -12.08 -7.07 31.84
N PRO A 66 -12.47 -7.40 30.58
CA PRO A 66 -13.88 -7.65 30.27
C PRO A 66 -14.38 -8.96 30.90
N ASN A 67 -15.70 -9.04 31.14
CA ASN A 67 -16.31 -10.27 31.64
C ASN A 67 -16.35 -11.27 30.50
N PRO A 68 -15.92 -12.54 30.72
CA PRO A 68 -15.97 -13.57 29.68
C PRO A 68 -17.34 -13.77 29.00
N ASP A 69 -18.42 -13.27 29.61
CA ASP A 69 -19.77 -13.37 29.07
C ASP A 69 -20.10 -12.19 28.14
N GLU A 70 -19.08 -11.47 27.65
CA GLU A 70 -19.31 -10.29 26.83
C GLU A 70 -19.02 -10.64 25.38
N SER A 71 -19.92 -10.25 24.48
CA SER A 71 -19.87 -10.61 23.07
C SER A 71 -18.75 -9.82 22.38
N VAL A 72 -17.96 -10.53 21.57
CA VAL A 72 -16.75 -9.98 20.96
C VAL A 72 -17.09 -8.71 20.16
N ILE A 73 -18.31 -8.63 19.61
CA ILE A 73 -18.73 -7.44 18.83
C ILE A 73 -18.80 -6.23 19.78
N ASP A 74 -19.47 -6.37 20.93
CA ASP A 74 -19.70 -5.23 21.84
C ASP A 74 -18.35 -4.70 22.34
N LEU A 75 -17.37 -5.59 22.50
CA LEU A 75 -16.01 -5.20 22.82
C LEU A 75 -15.44 -4.36 21.67
N TYR A 76 -15.52 -4.90 20.45
CA TYR A 76 -14.94 -4.27 19.27
C TYR A 76 -15.54 -2.87 19.06
N ASN A 77 -16.84 -2.73 19.32
CA ASN A 77 -17.55 -1.46 19.18
C ASN A 77 -16.92 -0.41 20.12
N ASN A 78 -16.51 -0.85 21.31
CA ASN A 78 -16.03 0.04 22.36
C ASN A 78 -14.52 0.26 22.25
N PHE A 79 -13.75 -0.81 21.97
CA PHE A 79 -12.28 -0.73 22.00
C PHE A 79 -11.66 -1.23 20.69
N GLY A 80 -12.43 -1.28 19.61
CA GLY A 80 -11.94 -1.75 18.33
C GLY A 80 -11.80 -0.65 17.29
N PHE A 81 -11.03 -0.92 16.24
CA PHE A 81 -10.92 -0.08 15.07
C PHE A 81 -10.54 -0.93 13.86
N ASP A 82 -11.00 -0.53 12.67
CA ASP A 82 -10.53 -1.07 11.39
C ASP A 82 -10.79 -2.58 11.28
N GLY A 83 -11.72 -3.11 12.09
CA GLY A 83 -12.05 -4.54 12.07
C GLY A 83 -11.11 -5.38 12.93
N LYS A 84 -10.39 -4.69 13.81
CA LYS A 84 -9.36 -5.24 14.65
C LYS A 84 -9.65 -4.81 16.10
N LEU A 85 -9.31 -5.67 17.06
CA LEU A 85 -9.09 -5.33 18.46
C LEU A 85 -7.73 -5.94 18.81
N VAL A 86 -6.96 -5.20 19.63
CA VAL A 86 -5.78 -5.71 20.30
C VAL A 86 -6.16 -6.12 21.73
N VAL A 87 -6.05 -7.41 22.02
CA VAL A 87 -6.26 -7.94 23.36
C VAL A 87 -4.90 -8.37 23.92
N ASN A 88 -4.60 -7.92 25.13
CA ASN A 88 -3.39 -8.30 25.84
C ASN A 88 -3.70 -9.45 26.80
N TYR A 89 -2.65 -10.17 27.19
CA TYR A 89 -2.71 -11.24 28.15
C TYR A 89 -1.39 -11.28 28.95
N ALA A 90 -1.51 -11.64 30.24
CA ALA A 90 -0.35 -11.92 31.07
C ALA A 90 -0.61 -13.09 32.01
N CYS A 91 0.48 -13.64 32.57
CA CYS A 91 0.43 -14.80 33.46
C CYS A 91 0.72 -14.41 34.92
N SER A 92 1.57 -13.40 35.10
CA SER A 92 1.69 -12.74 36.41
C SER A 92 1.33 -11.25 36.24
N MET A 93 0.89 -10.59 37.33
CA MET A 93 0.78 -9.11 37.37
C MET A 93 0.91 -8.62 38.82
N GLN B 12 -19.08 -8.22 9.58
CA GLN B 12 -18.58 -7.69 10.90
C GLN B 12 -17.95 -8.84 11.71
N LYS B 13 -16.99 -9.52 11.06
CA LYS B 13 -16.07 -10.49 11.72
C LYS B 13 -14.75 -9.76 12.03
N ILE B 14 -14.23 -10.04 13.23
CA ILE B 14 -13.18 -9.25 13.87
C ILE B 14 -11.93 -10.11 14.00
N VAL B 15 -10.77 -9.50 13.74
CA VAL B 15 -9.47 -10.15 13.98
C VAL B 15 -8.98 -9.64 15.34
N VAL B 16 -8.64 -10.57 16.23
CA VAL B 16 -8.15 -10.26 17.55
C VAL B 16 -6.65 -10.54 17.60
N HIS B 17 -5.86 -9.49 17.88
CA HIS B 17 -4.43 -9.59 18.06
C HIS B 17 -4.12 -9.80 19.55
N LEU B 18 -3.28 -10.79 19.85
CA LEU B 18 -2.93 -11.17 21.21
C LEU B 18 -1.50 -10.74 21.53
N ARG B 19 -1.39 -9.67 22.31
CA ARG B 19 -0.11 -9.14 22.76
C ARG B 19 0.20 -9.73 24.14
N ALA B 20 1.34 -10.42 24.26
CA ALA B 20 1.86 -10.93 25.52
C ALA B 20 2.54 -9.79 26.28
N THR B 21 2.09 -9.56 27.51
CA THR B 21 2.65 -8.53 28.40
C THR B 21 3.20 -9.18 29.66
N GLY B 22 4.02 -8.45 30.40
CA GLY B 22 4.58 -8.86 31.70
C GLY B 22 5.23 -10.24 31.67
N GLY B 23 6.01 -10.49 30.61
CA GLY B 23 6.85 -11.68 30.50
C GLY B 23 6.10 -12.94 30.06
N ALA B 24 4.88 -12.74 29.57
CA ALA B 24 4.02 -13.83 29.10
C ALA B 24 4.71 -14.64 27.99
N PRO B 25 4.38 -15.94 27.85
CA PRO B 25 4.91 -16.77 26.77
C PRO B 25 4.44 -16.33 25.37
N ILE B 26 5.23 -16.69 24.37
CA ILE B 26 5.04 -16.41 22.98
C ILE B 26 4.03 -17.41 22.38
N LEU B 27 3.18 -16.91 21.47
CA LEU B 27 2.27 -17.70 20.65
C LEU B 27 2.96 -17.94 19.30
N LYS B 28 2.65 -19.08 18.66
CA LYS B 28 3.16 -19.36 17.30
C LYS B 28 2.47 -18.42 16.29
N GLN B 29 1.23 -18.07 16.57
CA GLN B 29 0.34 -17.31 15.70
C GLN B 29 -0.52 -16.46 16.63
N SER B 30 -0.30 -15.13 16.63
CA SER B 30 -0.75 -14.21 17.63
C SER B 30 -2.09 -13.56 17.28
N LYS B 31 -2.73 -14.01 16.20
CA LYS B 31 -4.03 -13.49 15.74
C LYS B 31 -4.99 -14.68 15.48
N PHE B 32 -6.29 -14.41 15.64
CA PHE B 32 -7.34 -15.26 15.13
C PHE B 32 -8.57 -14.43 14.80
N LYS B 33 -9.28 -14.86 13.76
CA LYS B 33 -10.49 -14.20 13.30
C LYS B 33 -11.67 -14.84 14.04
N VAL B 34 -12.64 -14.01 14.45
CA VAL B 34 -13.76 -14.47 15.26
C VAL B 34 -15.02 -13.71 14.83
N SER B 35 -16.14 -14.46 14.83
CA SER B 35 -17.48 -13.91 14.72
C SER B 35 -17.75 -12.95 15.88
N GLY B 36 -18.30 -11.78 15.59
CA GLY B 36 -18.58 -10.75 16.59
C GLY B 36 -19.76 -11.08 17.48
N SER B 37 -20.40 -12.23 17.24
CA SER B 37 -21.48 -12.74 18.07
C SER B 37 -20.93 -13.70 19.14
N ASP B 38 -19.70 -14.23 18.94
CA ASP B 38 -19.04 -15.05 19.93
C ASP B 38 -18.84 -14.27 21.24
N LYS B 39 -18.74 -15.01 22.34
CA LYS B 39 -18.47 -14.46 23.65
C LYS B 39 -16.95 -14.34 23.77
N PHE B 40 -16.50 -13.39 24.59
CA PHE B 40 -15.09 -13.15 24.85
C PHE B 40 -14.41 -14.43 25.36
N ALA B 41 -15.14 -15.25 26.12
CA ALA B 41 -14.66 -16.54 26.61
C ALA B 41 -13.90 -17.30 25.51
N ASN B 42 -14.45 -17.29 24.30
CA ASN B 42 -13.83 -17.94 23.12
C ASN B 42 -12.38 -17.51 22.98
N VAL B 43 -12.11 -16.23 23.14
CA VAL B 43 -10.76 -15.67 23.00
C VAL B 43 -9.87 -16.21 24.14
N ILE B 44 -10.43 -16.24 25.35
CA ILE B 44 -9.67 -16.63 26.54
C ILE B 44 -9.34 -18.12 26.43
N ASP B 45 -10.35 -18.93 26.13
CA ASP B 45 -10.21 -20.38 25.99
C ASP B 45 -9.15 -20.68 24.94
N PHE B 46 -9.12 -19.90 23.87
CA PHE B 46 -8.19 -20.09 22.75
C PHE B 46 -6.76 -19.88 23.23
N LEU B 47 -6.53 -18.84 24.06
CA LEU B 47 -5.22 -18.60 24.67
C LEU B 47 -4.78 -19.84 25.48
N ARG B 48 -5.66 -20.29 26.38
CA ARG B 48 -5.34 -21.33 27.34
C ARG B 48 -4.98 -22.63 26.59
N ARG B 49 -5.69 -22.90 25.50
CA ARG B 49 -5.46 -24.05 24.63
C ARG B 49 -4.00 -24.03 24.15
N GLN B 50 -3.51 -22.84 23.79
CA GLN B 50 -2.17 -22.68 23.21
C GLN B 50 -1.09 -22.63 24.31
N LEU B 51 -1.42 -22.08 25.48
CA LEU B 51 -0.43 -21.78 26.53
C LEU B 51 -0.28 -22.91 27.53
N HIS B 52 -1.39 -23.50 27.96
CA HIS B 52 -1.43 -24.50 29.07
C HIS B 52 -0.83 -23.87 30.33
N SER B 53 -1.24 -22.64 30.63
CA SER B 53 -0.84 -21.93 31.84
C SER B 53 -2.05 -21.76 32.77
N ASP B 54 -1.87 -22.14 34.05
CA ASP B 54 -2.86 -21.98 35.10
C ASP B 54 -3.30 -20.52 35.21
N SER B 55 -2.33 -19.62 35.44
CA SER B 55 -2.59 -18.20 35.57
C SER B 55 -2.69 -17.56 34.18
N LEU B 56 -3.68 -16.67 34.02
CA LEU B 56 -3.81 -15.88 32.83
C LEU B 56 -4.72 -14.67 33.09
N PHE B 57 -4.15 -13.47 32.94
CA PHE B 57 -4.89 -12.21 32.90
C PHE B 57 -5.12 -11.80 31.45
N VAL B 58 -6.34 -11.36 31.12
CA VAL B 58 -6.70 -10.94 29.77
C VAL B 58 -7.51 -9.65 29.86
N TYR B 59 -6.99 -8.59 29.24
CA TYR B 59 -7.55 -7.27 29.32
C TYR B 59 -7.30 -6.52 28.01
N VAL B 60 -8.08 -5.44 27.84
CA VAL B 60 -7.92 -4.48 26.76
C VAL B 60 -7.70 -3.11 27.39
N ASN B 61 -6.82 -2.33 26.78
CA ASN B 61 -6.36 -1.07 27.38
C ASN B 61 -7.15 0.05 26.68
N SER B 62 -7.81 0.83 27.53
CA SER B 62 -8.78 1.84 27.25
C SER B 62 -8.38 3.16 27.92
N ALA B 63 -9.01 4.25 27.49
CA ALA B 63 -8.79 5.57 28.04
C ALA B 63 -9.90 5.92 29.05
N PHE B 64 -9.52 6.74 30.03
CA PHE B 64 -10.23 6.83 31.31
C PHE B 64 -10.14 8.27 31.81
N SER B 65 -11.31 8.90 31.96
CA SER B 65 -11.41 10.30 32.35
C SER B 65 -11.85 10.37 33.81
N PRO B 66 -10.91 10.58 34.77
CA PRO B 66 -11.26 10.52 36.19
C PRO B 66 -12.13 11.72 36.63
N ASN B 67 -12.92 11.49 37.70
CA ASN B 67 -13.84 12.48 38.20
C ASN B 67 -13.06 13.60 38.88
N PRO B 68 -13.36 14.88 38.57
CA PRO B 68 -12.69 16.01 39.19
C PRO B 68 -12.66 16.01 40.73
N ASP B 69 -13.52 15.21 41.37
CA ASP B 69 -13.57 15.10 42.83
C ASP B 69 -12.62 14.03 43.36
N GLU B 70 -11.61 13.64 42.57
CA GLU B 70 -10.69 12.58 42.96
C GLU B 70 -9.37 13.23 43.38
N SER B 71 -8.82 12.76 44.51
CA SER B 71 -7.60 13.35 45.08
C SER B 71 -6.38 12.90 44.26
N VAL B 72 -5.50 13.85 43.93
CA VAL B 72 -4.42 13.63 42.96
C VAL B 72 -3.55 12.44 43.40
N ILE B 73 -3.44 12.19 44.71
CA ILE B 73 -2.66 11.05 45.22
C ILE B 73 -3.32 9.73 44.77
N ASP B 74 -4.63 9.60 45.00
CA ASP B 74 -5.35 8.34 44.72
C ASP B 74 -5.28 8.02 43.23
N LEU B 75 -5.24 9.07 42.40
CA LEU B 75 -5.03 8.93 40.97
C LEU B 75 -3.64 8.36 40.73
N TYR B 76 -2.62 9.01 41.31
CA TYR B 76 -1.22 8.64 41.09
C TYR B 76 -1.00 7.17 41.50
N ASN B 77 -1.63 6.75 42.60
CA ASN B 77 -1.51 5.39 43.10
C ASN B 77 -2.01 4.40 42.03
N ASN B 78 -3.06 4.77 41.31
CA ASN B 78 -3.74 3.88 40.36
C ASN B 78 -3.11 4.00 38.96
N PHE B 79 -2.80 5.22 38.51
CA PHE B 79 -2.34 5.45 37.13
C PHE B 79 -1.01 6.22 37.07
N GLY B 80 -0.26 6.22 38.17
CA GLY B 80 1.04 6.90 38.25
C GLY B 80 2.18 5.90 38.30
N PHE B 81 3.39 6.37 38.05
CA PHE B 81 4.62 5.58 38.18
C PHE B 81 5.77 6.52 38.52
N ASP B 82 6.75 6.04 39.30
CA ASP B 82 8.06 6.68 39.44
C ASP B 82 7.93 8.09 40.03
N GLY B 83 6.80 8.41 40.67
CA GLY B 83 6.58 9.74 41.24
C GLY B 83 6.05 10.74 40.23
N LYS B 84 5.55 10.21 39.11
CA LYS B 84 5.11 10.96 37.96
C LYS B 84 3.71 10.48 37.59
N LEU B 85 2.89 11.42 37.12
CA LEU B 85 1.57 11.15 36.57
C LEU B 85 1.51 11.77 35.19
N VAL B 86 1.18 10.93 34.19
CA VAL B 86 1.07 11.37 32.80
C VAL B 86 -0.41 11.56 32.48
N VAL B 87 -0.82 12.80 32.24
CA VAL B 87 -2.19 13.10 31.82
C VAL B 87 -2.15 13.54 30.37
N ASN B 88 -2.97 12.92 29.53
CA ASN B 88 -3.12 13.35 28.14
C ASN B 88 -4.36 14.24 28.02
N TYR B 89 -4.35 15.12 27.02
CA TYR B 89 -5.41 16.09 26.81
C TYR B 89 -5.54 16.37 25.31
N ALA B 90 -6.79 16.60 24.87
CA ALA B 90 -7.10 17.03 23.52
C ALA B 90 -8.25 18.04 23.51
N CYS B 91 -8.46 18.66 22.35
CA CYS B 91 -9.50 19.65 22.14
C CYS B 91 -10.63 19.11 21.24
N SER B 92 -10.28 18.19 20.35
CA SER B 92 -11.18 17.45 19.49
C SER B 92 -11.05 15.94 19.79
N MET B 93 -11.78 15.14 19.00
CA MET B 93 -11.46 13.74 18.78
C MET B 93 -11.69 13.40 17.31
N ALA B 94 -10.92 12.46 16.79
CA ALA B 94 -11.32 11.66 15.64
C ALA B 94 -12.48 10.74 16.03
N TRP B 95 -13.38 10.45 15.07
CA TRP B 95 -14.57 9.68 15.45
C TRP B 95 -14.35 8.18 15.30
N GLY B 96 -14.85 7.49 16.33
CA GLY B 96 -14.86 6.05 16.54
C GLY B 96 -15.90 5.72 17.61
N MET C 3 -10.55 6.60 18.12
CA MET C 3 -11.16 7.69 18.97
C MET C 3 -10.06 8.50 19.65
N ALA C 4 -9.51 8.02 20.78
CA ALA C 4 -8.65 8.81 21.70
C ALA C 4 -7.17 8.70 21.33
N THR C 5 -6.52 9.86 21.10
CA THR C 5 -5.21 9.91 20.46
C THR C 5 -4.13 9.70 21.51
N GLU C 6 -3.07 8.96 21.13
CA GLU C 6 -1.93 8.64 22.00
C GLU C 6 -0.95 9.81 22.07
N SER C 7 -0.59 10.34 20.89
CA SER C 7 0.47 11.33 20.77
C SER C 7 -0.01 12.52 19.92
N PRO C 8 0.76 13.64 19.86
CA PRO C 8 0.43 14.77 18.99
C PRO C 8 0.59 14.39 17.51
N ASN C 9 -0.32 14.88 16.68
CA ASN C 9 -0.43 14.48 15.28
C ASN C 9 0.71 15.09 14.46
N SER C 10 1.32 16.16 14.99
CA SER C 10 2.50 16.83 14.40
C SER C 10 3.66 15.84 14.25
N VAL C 11 4.00 15.14 15.34
CA VAL C 11 5.28 14.42 15.47
C VAL C 11 5.24 13.18 14.59
N GLN C 12 5.83 13.26 13.38
CA GLN C 12 5.71 12.15 12.46
C GLN C 12 6.37 10.91 13.10
N LYS C 13 5.64 9.79 13.04
CA LYS C 13 6.12 8.49 13.50
C LYS C 13 6.67 7.71 12.30
N ILE C 14 7.77 6.98 12.56
CA ILE C 14 8.35 6.02 11.65
C ILE C 14 8.17 4.62 12.23
N VAL C 15 7.96 3.64 11.34
CA VAL C 15 7.88 2.23 11.67
C VAL C 15 9.26 1.60 11.47
N VAL C 16 9.75 0.95 12.53
CA VAL C 16 11.04 0.30 12.54
C VAL C 16 10.81 -1.21 12.47
N HIS C 17 11.34 -1.84 11.42
CA HIS C 17 11.39 -3.30 11.32
C HIS C 17 12.74 -3.77 11.89
N LEU C 18 12.70 -4.77 12.77
CA LEU C 18 13.89 -5.33 13.40
C LEU C 18 14.18 -6.73 12.85
N ARG C 19 15.15 -6.82 11.93
CA ARG C 19 15.45 -8.08 11.23
C ARG C 19 16.60 -8.79 11.94
N ALA C 20 16.35 -10.00 12.43
CA ALA C 20 17.32 -10.84 13.12
C ALA C 20 18.21 -11.54 12.08
N THR C 21 19.53 -11.34 12.19
CA THR C 21 20.46 -11.91 11.21
C THR C 21 21.40 -12.92 11.90
N GLY C 22 21.97 -13.79 11.06
CA GLY C 22 23.08 -14.67 11.42
C GLY C 22 22.83 -15.49 12.67
N GLY C 23 21.61 -16.05 12.79
CA GLY C 23 21.29 -17.02 13.84
C GLY C 23 20.90 -16.37 15.16
N ALA C 24 20.86 -15.04 15.21
CA ALA C 24 20.36 -14.31 16.38
C ALA C 24 18.89 -14.63 16.62
N PRO C 25 18.40 -14.59 17.88
CA PRO C 25 17.01 -14.94 18.18
C PRO C 25 16.02 -13.93 17.62
N ILE C 26 14.81 -14.40 17.26
CA ILE C 26 13.75 -13.53 16.74
C ILE C 26 12.99 -12.97 17.95
N LEU C 27 12.50 -11.74 17.83
CA LEU C 27 11.45 -11.22 18.75
C LEU C 27 10.06 -11.53 18.16
N LYS C 28 9.10 -11.82 19.02
CA LYS C 28 7.73 -12.05 18.55
C LYS C 28 7.11 -10.76 18.04
N GLN C 29 7.55 -9.61 18.59
CA GLN C 29 7.17 -8.29 18.05
C GLN C 29 8.35 -7.49 17.40
N SER C 30 8.48 -7.71 16.10
CA SER C 30 9.64 -7.34 15.32
C SER C 30 9.46 -5.96 14.67
N LYS C 31 8.31 -5.32 14.89
CA LYS C 31 7.97 -4.01 14.32
C LYS C 31 7.35 -3.15 15.40
N PHE C 32 7.55 -1.84 15.30
CA PHE C 32 7.20 -0.88 16.35
C PHE C 32 7.19 0.51 15.74
N LYS C 33 6.27 1.37 16.17
CA LYS C 33 6.26 2.76 15.73
C LYS C 33 7.07 3.57 16.74
N VAL C 34 7.86 4.52 16.23
CA VAL C 34 8.74 5.32 17.07
C VAL C 34 8.79 6.75 16.53
N SER C 35 8.82 7.72 17.45
CA SER C 35 8.85 9.14 17.12
C SER C 35 10.15 9.45 16.39
N GLY C 36 10.06 10.20 15.28
CA GLY C 36 11.24 10.50 14.46
C GLY C 36 12.15 11.56 15.08
N SER C 37 11.77 12.05 16.27
CA SER C 37 12.58 12.97 17.05
C SER C 37 13.46 12.21 18.04
N ASP C 38 13.11 10.94 18.35
CA ASP C 38 13.93 10.08 19.20
C ASP C 38 15.30 9.88 18.55
N LYS C 39 16.31 9.60 19.40
CA LYS C 39 17.63 9.23 18.93
C LYS C 39 17.62 7.74 18.62
N PHE C 40 18.48 7.32 17.69
CA PHE C 40 18.59 5.91 17.32
C PHE C 40 18.96 5.08 18.56
N ALA C 41 19.75 5.67 19.47
CA ALA C 41 20.13 5.06 20.74
C ALA C 41 18.94 4.32 21.38
N ASN C 42 17.77 4.98 21.36
CA ASN C 42 16.53 4.42 21.90
C ASN C 42 16.30 3.01 21.36
N VAL C 43 16.49 2.83 20.05
CA VAL C 43 16.26 1.55 19.38
C VAL C 43 17.29 0.54 19.87
N ILE C 44 18.55 0.98 20.00
CA ILE C 44 19.64 0.07 20.38
C ILE C 44 19.42 -0.40 21.82
N ASP C 45 19.17 0.59 22.71
CA ASP C 45 18.96 0.31 24.13
C ASP C 45 17.81 -0.68 24.28
N PHE C 46 16.77 -0.51 23.45
CA PHE C 46 15.57 -1.34 23.52
C PHE C 46 15.91 -2.79 23.19
N LEU C 47 16.75 -3.00 22.17
CA LEU C 47 17.21 -4.34 21.79
C LEU C 47 17.93 -4.97 22.98
N ARG C 48 18.91 -4.24 23.55
CA ARG C 48 19.78 -4.78 24.57
C ARG C 48 18.96 -5.22 25.79
N ARG C 49 17.93 -4.40 26.12
CA ARG C 49 17.03 -4.67 27.22
C ARG C 49 16.37 -6.04 27.03
N GLN C 50 15.98 -6.35 25.78
CA GLN C 50 15.22 -7.55 25.47
C GLN C 50 16.15 -8.76 25.31
N LEU C 51 17.38 -8.55 24.82
CA LEU C 51 18.26 -9.67 24.43
C LEU C 51 19.19 -10.04 25.61
N HIS C 52 19.91 -9.02 26.06
CA HIS C 52 20.94 -9.10 27.12
C HIS C 52 21.95 -10.22 26.89
N SER C 53 22.29 -10.52 25.66
CA SER C 53 23.11 -11.70 25.34
C SER C 53 24.33 -11.17 24.59
N ASP C 54 25.54 -11.49 25.07
CA ASP C 54 26.75 -11.45 24.25
C ASP C 54 27.03 -10.01 23.77
N SER C 55 27.57 -9.85 22.56
CA SER C 55 27.67 -8.67 21.80
C SER C 55 26.43 -8.60 20.91
N LEU C 56 26.01 -7.38 20.51
CA LEU C 56 25.09 -7.19 19.42
C LEU C 56 25.55 -6.07 18.45
N PHE C 57 25.53 -6.43 17.17
CA PHE C 57 25.73 -5.57 16.03
C PHE C 57 24.36 -5.07 15.51
N VAL C 58 24.29 -3.76 15.23
CA VAL C 58 23.04 -3.11 14.80
C VAL C 58 23.36 -2.21 13.61
N TYR C 59 22.75 -2.54 12.47
CA TYR C 59 23.11 -1.91 11.22
C TYR C 59 21.90 -1.82 10.30
N VAL C 60 22.02 -0.94 9.31
CA VAL C 60 21.06 -0.80 8.22
C VAL C 60 21.83 -1.01 6.92
N ASN C 61 21.19 -1.66 5.94
CA ASN C 61 21.76 -1.86 4.61
C ASN C 61 21.30 -0.77 3.64
N SER C 62 22.11 -0.57 2.60
CA SER C 62 21.71 0.22 1.44
C SER C 62 22.44 -0.31 0.19
N ALA C 63 21.77 -0.20 -0.96
CA ALA C 63 22.32 -0.56 -2.24
C ALA C 63 22.76 0.71 -2.97
N PHE C 64 23.73 0.58 -3.89
CA PHE C 64 24.41 1.68 -4.51
C PHE C 64 24.77 1.30 -5.95
N SER C 65 24.31 2.08 -6.92
CA SER C 65 24.67 1.96 -8.32
C SER C 65 25.73 3.00 -8.68
N PRO C 66 27.02 2.63 -8.73
CA PRO C 66 28.11 3.58 -8.95
C PRO C 66 28.10 4.17 -10.36
N ASN C 67 28.66 5.38 -10.50
CA ASN C 67 28.80 6.04 -11.78
C ASN C 67 29.86 5.30 -12.59
N PRO C 68 29.59 4.98 -13.88
CA PRO C 68 30.56 4.32 -14.75
C PRO C 68 31.95 4.99 -14.83
N ASP C 69 32.06 6.25 -14.41
CA ASP C 69 33.36 6.97 -14.42
C ASP C 69 34.13 6.77 -13.10
N GLU C 70 33.79 5.74 -12.34
CA GLU C 70 34.43 5.49 -11.06
C GLU C 70 35.38 4.32 -11.22
N SER C 71 36.61 4.48 -10.71
CA SER C 71 37.69 3.51 -10.86
C SER C 71 37.44 2.30 -9.97
N VAL C 72 37.63 1.11 -10.53
CA VAL C 72 37.29 -0.16 -9.88
C VAL C 72 38.00 -0.27 -8.52
N ILE C 73 39.17 0.37 -8.37
CA ILE C 73 39.90 0.36 -7.10
C ILE C 73 39.07 1.11 -6.03
N ASP C 74 38.61 2.32 -6.35
CA ASP C 74 37.91 3.18 -5.37
C ASP C 74 36.63 2.48 -4.90
N LEU C 75 36.01 1.70 -5.80
CA LEU C 75 34.88 0.88 -5.44
C LEU C 75 35.32 -0.18 -4.44
N TYR C 76 36.37 -0.93 -4.79
CA TYR C 76 36.87 -2.03 -3.98
C TYR C 76 37.22 -1.54 -2.56
N ASN C 77 37.81 -0.35 -2.48
CA ASN C 77 38.20 0.25 -1.20
C ASN C 77 36.96 0.43 -0.32
N ASN C 78 35.84 0.81 -0.94
CA ASN C 78 34.63 1.17 -0.22
C ASN C 78 33.74 -0.06 0.02
N PHE C 79 33.60 -0.94 -0.97
CA PHE C 79 32.65 -2.06 -0.89
C PHE C 79 33.33 -3.41 -1.18
N GLY C 80 34.66 -3.47 -1.07
CA GLY C 80 35.40 -4.70 -1.36
C GLY C 80 35.96 -5.36 -0.12
N PHE C 81 36.24 -6.65 -0.26
CA PHE C 81 36.33 -7.62 0.87
C PHE C 81 36.77 -8.96 0.29
N ASP C 82 37.55 -9.73 1.09
CA ASP C 82 38.20 -10.99 0.64
C ASP C 82 39.14 -10.72 -0.55
N GLY C 83 39.49 -9.45 -0.82
CA GLY C 83 40.36 -9.01 -1.86
C GLY C 83 39.64 -8.79 -3.16
N LYS C 84 38.30 -9.01 -3.20
CA LYS C 84 37.56 -8.94 -4.41
C LYS C 84 36.30 -8.10 -4.17
N LEU C 85 35.56 -7.90 -5.25
CA LEU C 85 34.41 -7.00 -5.30
C LEU C 85 33.20 -7.79 -5.82
N VAL C 86 32.14 -7.81 -5.01
CA VAL C 86 30.90 -8.48 -5.36
C VAL C 86 29.92 -7.42 -5.86
N VAL C 87 29.57 -7.50 -7.15
CA VAL C 87 28.58 -6.64 -7.75
C VAL C 87 27.34 -7.48 -8.04
N ASN C 88 26.18 -7.00 -7.58
CA ASN C 88 24.91 -7.64 -7.89
C ASN C 88 24.27 -6.96 -9.09
N TYR C 89 23.46 -7.75 -9.81
CA TYR C 89 22.78 -7.29 -11.01
C TYR C 89 21.45 -8.04 -11.15
N ALA C 90 20.43 -7.32 -11.62
CA ALA C 90 19.07 -7.82 -11.74
C ALA C 90 18.38 -7.16 -12.92
N CYS C 91 17.20 -7.69 -13.28
CA CYS C 91 16.36 -7.14 -14.33
C CYS C 91 15.09 -6.50 -13.75
N SER C 92 14.61 -7.07 -12.63
CA SER C 92 13.47 -6.53 -11.91
C SER C 92 13.88 -6.16 -10.48
N MET C 93 12.98 -5.43 -9.82
CA MET C 93 13.16 -4.98 -8.45
C MET C 93 11.77 -4.85 -7.82
N ALA C 94 11.68 -5.12 -6.51
CA ALA C 94 10.46 -5.00 -5.78
C ALA C 94 10.18 -3.53 -5.48
N TRP C 95 8.90 -3.17 -5.35
CA TRP C 95 8.52 -1.86 -4.83
C TRP C 95 8.41 -1.94 -3.30
N GLY C 96 8.80 -0.84 -2.63
CA GLY C 96 8.81 -0.78 -1.17
C GLY C 96 7.41 -0.73 -0.62
N GLN D 12 48.29 -4.41 -7.65
CA GLN D 12 47.96 -5.20 -8.87
C GLN D 12 46.54 -4.86 -9.37
N LYS D 13 45.82 -5.90 -9.78
CA LYS D 13 44.48 -5.85 -10.28
C LYS D 13 43.55 -6.41 -9.21
N ILE D 14 42.24 -6.19 -9.44
CA ILE D 14 41.15 -6.63 -8.58
C ILE D 14 40.31 -7.70 -9.29
N VAL D 15 39.83 -8.68 -8.53
CA VAL D 15 38.92 -9.71 -9.03
C VAL D 15 37.49 -9.27 -8.72
N VAL D 16 36.65 -9.25 -9.76
CA VAL D 16 35.26 -8.86 -9.65
C VAL D 16 34.39 -10.12 -9.76
N HIS D 17 33.64 -10.39 -8.70
CA HIS D 17 32.62 -11.45 -8.71
C HIS D 17 31.28 -10.82 -9.09
N LEU D 18 30.58 -11.43 -10.06
CA LEU D 18 29.29 -10.93 -10.55
C LEU D 18 28.17 -11.85 -10.08
N ARG D 19 27.44 -11.43 -9.05
CA ARG D 19 26.38 -12.23 -8.45
C ARG D 19 25.04 -11.81 -9.05
N ALA D 20 24.35 -12.79 -9.64
CA ALA D 20 23.02 -12.65 -10.21
C ALA D 20 21.98 -12.70 -9.09
N THR D 21 21.16 -11.65 -9.00
CA THR D 21 20.11 -11.55 -7.99
C THR D 21 18.73 -11.49 -8.65
N GLY D 22 17.70 -11.71 -7.84
CA GLY D 22 16.31 -11.42 -8.19
C GLY D 22 15.86 -12.09 -9.47
N GLY D 23 16.27 -13.36 -9.67
CA GLY D 23 15.77 -14.19 -10.76
C GLY D 23 16.53 -13.98 -12.07
N ALA D 24 17.53 -13.08 -12.08
CA ALA D 24 18.31 -12.79 -13.27
C ALA D 24 19.12 -14.02 -13.68
N PRO D 25 19.42 -14.21 -14.99
CA PRO D 25 20.19 -15.37 -15.42
C PRO D 25 21.65 -15.31 -14.96
N ILE D 26 22.24 -16.51 -14.77
CA ILE D 26 23.61 -16.68 -14.34
C ILE D 26 24.51 -16.61 -15.59
N LEU D 27 25.73 -16.08 -15.38
CA LEU D 27 26.75 -15.96 -16.41
C LEU D 27 27.65 -17.20 -16.44
N LYS D 28 28.12 -17.53 -17.66
CA LYS D 28 29.01 -18.66 -17.88
C LYS D 28 30.37 -18.42 -17.22
N GLN D 29 30.79 -17.15 -17.10
CA GLN D 29 32.00 -16.80 -16.34
C GLN D 29 31.67 -15.62 -15.42
N SER D 30 31.51 -15.93 -14.13
CA SER D 30 30.97 -15.00 -13.15
C SER D 30 32.06 -14.17 -12.46
N LYS D 31 33.33 -14.45 -12.77
CA LYS D 31 34.47 -13.70 -12.24
C LYS D 31 35.42 -13.31 -13.37
N PHE D 32 36.11 -12.17 -13.21
CA PHE D 32 37.30 -11.89 -13.98
C PHE D 32 38.18 -10.90 -13.21
N LYS D 33 39.49 -10.96 -13.46
CA LYS D 33 40.45 -10.04 -12.90
C LYS D 33 40.57 -8.83 -13.83
N VAL D 34 40.62 -7.63 -13.25
CA VAL D 34 40.47 -6.38 -14.01
C VAL D 34 41.33 -5.30 -13.35
N SER D 35 41.94 -4.47 -14.20
CA SER D 35 42.79 -3.35 -13.78
C SER D 35 41.93 -2.35 -13.01
N GLY D 36 42.43 -1.87 -11.87
CA GLY D 36 41.69 -0.94 -11.03
C GLY D 36 41.66 0.49 -11.58
N SER D 37 42.28 0.69 -12.75
CA SER D 37 42.23 1.95 -13.47
C SER D 37 41.09 1.95 -14.48
N ASP D 38 40.59 0.76 -14.87
CA ASP D 38 39.44 0.65 -15.77
C ASP D 38 38.22 1.31 -15.13
N LYS D 39 37.29 1.73 -15.99
CA LYS D 39 36.05 2.35 -15.54
C LYS D 39 35.07 1.21 -15.27
N PHE D 40 34.13 1.44 -14.34
CA PHE D 40 33.12 0.45 -14.00
C PHE D 40 32.30 0.08 -15.25
N ALA D 41 32.11 1.06 -16.14
CA ALA D 41 31.45 0.89 -17.44
C ALA D 41 31.87 -0.43 -18.09
N ASN D 42 33.17 -0.74 -18.06
CA ASN D 42 33.71 -1.97 -18.62
C ASN D 42 32.88 -3.19 -18.13
N VAL D 43 32.62 -3.21 -16.82
CA VAL D 43 31.93 -4.32 -16.18
C VAL D 43 30.47 -4.35 -16.67
N ILE D 44 29.86 -3.17 -16.75
CA ILE D 44 28.44 -3.05 -17.11
C ILE D 44 28.27 -3.49 -18.56
N ASP D 45 29.11 -2.94 -19.46
CA ASP D 45 29.06 -3.26 -20.88
C ASP D 45 29.21 -4.78 -21.07
N PHE D 46 30.08 -5.37 -20.27
CA PHE D 46 30.37 -6.80 -20.36
C PHE D 46 29.12 -7.63 -20.02
N LEU D 47 28.38 -7.22 -18.98
CA LEU D 47 27.12 -7.85 -18.62
C LEU D 47 26.14 -7.80 -19.80
N ARG D 48 25.96 -6.60 -20.35
CA ARG D 48 24.93 -6.36 -21.36
C ARG D 48 25.23 -7.21 -22.60
N ARG D 49 26.52 -7.33 -22.94
CA ARG D 49 26.99 -8.15 -24.05
C ARG D 49 26.49 -9.59 -23.86
N GLN D 50 26.55 -10.09 -22.63
CA GLN D 50 26.23 -11.50 -22.32
C GLN D 50 24.71 -11.69 -22.18
N LEU D 51 23.99 -10.68 -21.67
CA LEU D 51 22.59 -10.82 -21.27
C LEU D 51 21.64 -10.44 -22.40
N HIS D 52 21.87 -9.27 -23.02
CA HIS D 52 20.95 -8.71 -24.05
C HIS D 52 19.55 -8.54 -23.46
N SER D 53 19.49 -7.98 -22.24
CA SER D 53 18.21 -7.72 -21.56
C SER D 53 17.95 -6.22 -21.45
N ASP D 54 16.71 -5.82 -21.77
CA ASP D 54 16.25 -4.44 -21.73
C ASP D 54 16.47 -3.84 -20.34
N SER D 55 15.88 -4.48 -19.33
CA SER D 55 16.06 -4.03 -17.93
C SER D 55 17.36 -4.62 -17.37
N LEU D 56 18.15 -3.79 -16.68
CA LEU D 56 19.32 -4.26 -15.99
C LEU D 56 19.77 -3.23 -14.95
N PHE D 57 19.71 -3.62 -13.68
CA PHE D 57 20.21 -2.92 -12.51
C PHE D 57 21.58 -3.52 -12.15
N VAL D 58 22.55 -2.68 -11.79
CA VAL D 58 23.87 -3.14 -11.35
C VAL D 58 24.27 -2.33 -10.12
N TYR D 59 24.46 -3.01 -8.98
CA TYR D 59 24.61 -2.32 -7.71
C TYR D 59 25.52 -3.12 -6.78
N VAL D 60 26.01 -2.42 -5.75
CA VAL D 60 26.78 -2.98 -4.65
C VAL D 60 26.03 -2.66 -3.37
N ASN D 61 26.05 -3.59 -2.42
CA ASN D 61 25.40 -3.44 -1.12
C ASN D 61 26.43 -2.97 -0.07
N SER D 62 25.94 -2.32 1.00
CA SER D 62 26.74 -2.05 2.17
C SER D 62 25.86 -2.00 3.42
N ALA D 63 26.43 -2.40 4.55
CA ALA D 63 25.80 -2.23 5.87
C ALA D 63 26.43 -1.02 6.56
N PHE D 64 25.68 -0.42 7.49
CA PHE D 64 25.96 0.90 8.06
C PHE D 64 25.40 0.92 9.48
N SER D 65 26.28 1.18 10.46
CA SER D 65 25.94 1.19 11.87
C SER D 65 25.82 2.63 12.36
N PRO D 66 24.61 3.19 12.48
CA PRO D 66 24.42 4.60 12.82
C PRO D 66 24.85 4.92 14.26
N ASN D 67 25.23 6.19 14.49
CA ASN D 67 25.60 6.64 15.82
C ASN D 67 24.32 6.76 16.64
N PRO D 68 24.29 6.24 17.88
CA PRO D 68 23.13 6.35 18.75
C PRO D 68 22.56 7.76 18.96
N ASP D 69 23.35 8.81 18.64
CA ASP D 69 22.91 10.19 18.78
C ASP D 69 22.25 10.70 17.49
N GLU D 70 21.79 9.80 16.63
CA GLU D 70 21.19 10.20 15.37
C GLU D 70 19.66 10.05 15.49
N SER D 71 18.93 11.09 15.04
CA SER D 71 17.50 11.16 15.13
C SER D 71 16.87 10.20 14.11
N VAL D 72 15.87 9.44 14.57
CA VAL D 72 15.27 8.35 13.80
C VAL D 72 14.76 8.88 12.44
N ILE D 73 14.36 10.15 12.39
CA ILE D 73 13.90 10.78 11.14
C ILE D 73 15.06 10.82 10.13
N ASP D 74 16.20 11.36 10.54
CA ASP D 74 17.37 11.55 9.63
C ASP D 74 17.82 10.21 9.05
N LEU D 75 17.68 9.16 9.85
CA LEU D 75 17.94 7.80 9.38
C LEU D 75 16.91 7.44 8.30
N TYR D 76 15.63 7.61 8.63
CA TYR D 76 14.53 7.25 7.74
C TYR D 76 14.66 7.96 6.39
N ASN D 77 15.06 9.23 6.43
CA ASN D 77 15.24 10.05 5.23
C ASN D 77 16.28 9.40 4.31
N ASN D 78 17.32 8.83 4.91
CA ASN D 78 18.46 8.32 4.18
C ASN D 78 18.25 6.84 3.80
N PHE D 79 17.72 6.03 4.71
CA PHE D 79 17.64 4.57 4.50
C PHE D 79 16.21 4.04 4.73
N GLY D 80 15.20 4.92 4.66
CA GLY D 80 13.81 4.54 4.88
C GLY D 80 13.00 4.57 3.60
N PHE D 81 11.84 3.92 3.62
CA PHE D 81 10.86 3.96 2.55
C PHE D 81 9.47 3.72 3.14
N ASP D 82 8.43 4.28 2.52
CA ASP D 82 7.03 3.92 2.77
C ASP D 82 6.63 4.18 4.22
N GLY D 83 7.40 5.02 4.95
CA GLY D 83 7.12 5.30 6.36
C GLY D 83 7.68 4.25 7.31
N LYS D 84 8.60 3.44 6.78
CA LYS D 84 9.20 2.31 7.41
C LYS D 84 10.73 2.43 7.31
N LEU D 85 11.41 1.96 8.34
CA LEU D 85 12.85 1.83 8.43
C LEU D 85 13.14 0.40 8.89
N VAL D 86 14.00 -0.31 8.16
CA VAL D 86 14.36 -1.69 8.46
C VAL D 86 15.73 -1.68 9.14
N VAL D 87 15.77 -2.08 10.41
CA VAL D 87 16.99 -2.19 11.18
C VAL D 87 17.28 -3.67 11.39
N ASN D 88 18.52 -4.06 11.08
CA ASN D 88 18.99 -5.42 11.32
C ASN D 88 19.77 -5.45 12.64
N TYR D 89 19.85 -6.65 13.23
CA TYR D 89 20.60 -6.88 14.45
C TYR D 89 21.15 -8.31 14.46
N ALA D 90 22.36 -8.49 15.00
CA ALA D 90 23.02 -9.78 15.11
C ALA D 90 23.93 -9.76 16.34
N CYS D 91 24.43 -10.93 16.73
CA CYS D 91 25.45 -11.11 17.74
C CYS D 91 26.77 -11.57 17.11
N SER D 92 26.69 -12.31 16.00
CA SER D 92 27.79 -12.89 15.31
C SER D 92 27.85 -12.37 13.87
N MET D 93 28.95 -12.70 13.18
CA MET D 93 29.17 -12.35 11.79
C MET D 93 29.88 -13.52 11.10
N ALA D 94 29.55 -13.72 9.82
CA ALA D 94 29.97 -14.90 9.09
C ALA D 94 30.64 -14.47 7.79
N TRP D 95 31.94 -14.19 7.87
CA TRP D 95 32.71 -13.80 6.68
C TRP D 95 33.28 -15.06 6.01
N GLY D 96 33.30 -15.04 4.68
CA GLY D 96 32.88 -13.92 3.86
C GLY D 96 33.38 -14.08 2.43
N MET E 3 12.48 -3.88 -0.78
CA MET E 3 13.38 -2.98 -1.58
C MET E 3 12.68 -1.63 -1.72
N ALA E 4 13.03 -0.83 -2.74
CA ALA E 4 12.56 0.59 -2.86
C ALA E 4 12.32 0.98 -4.32
N THR E 5 11.93 2.25 -4.62
CA THR E 5 11.19 3.19 -3.77
C THR E 5 10.15 3.93 -4.63
N GLU E 6 8.99 4.26 -4.04
CA GLU E 6 7.87 4.88 -4.76
C GLU E 6 8.06 6.41 -4.81
N SER E 7 8.29 7.01 -3.63
CA SER E 7 8.11 8.47 -3.48
C SER E 7 9.26 9.05 -2.66
N PRO E 8 9.42 10.40 -2.58
CA PRO E 8 10.41 11.01 -1.71
C PRO E 8 10.00 10.87 -0.24
N ASN E 9 11.00 10.70 0.63
CA ASN E 9 10.78 10.46 2.06
C ASN E 9 10.32 11.75 2.75
N SER E 10 10.54 12.90 2.09
CA SER E 10 10.08 14.22 2.55
C SER E 10 8.55 14.23 2.73
N VAL E 11 7.81 13.81 1.70
CA VAL E 11 6.35 14.00 1.68
C VAL E 11 5.69 13.06 2.68
N GLN E 12 5.38 13.54 3.90
CA GLN E 12 4.67 12.67 4.84
C GLN E 12 3.32 12.29 4.23
N LYS E 13 3.03 10.98 4.22
CA LYS E 13 1.80 10.42 3.73
C LYS E 13 0.84 10.17 4.91
N ILE E 14 -0.45 10.31 4.62
CA ILE E 14 -1.55 9.91 5.49
C ILE E 14 -2.30 8.76 4.81
N VAL E 15 -2.74 7.79 5.63
CA VAL E 15 -3.60 6.71 5.17
C VAL E 15 -5.05 7.09 5.49
N VAL E 16 -5.89 7.08 4.45
CA VAL E 16 -7.26 7.52 4.52
C VAL E 16 -8.15 6.28 4.44
N HIS E 17 -8.96 6.08 5.48
CA HIS E 17 -10.02 5.04 5.47
C HIS E 17 -11.31 5.71 5.00
N LEU E 18 -11.99 5.11 3.99
CA LEU E 18 -13.17 5.70 3.38
C LEU E 18 -14.40 4.86 3.77
N ARG E 19 -15.15 5.29 4.78
CA ARG E 19 -16.27 4.54 5.31
C ARG E 19 -17.56 5.08 4.69
N ALA E 20 -18.30 4.19 4.01
CA ALA E 20 -19.52 4.50 3.31
C ALA E 20 -20.69 4.60 4.32
N THR E 21 -21.38 5.75 4.29
CA THR E 21 -22.55 5.99 5.11
C THR E 21 -23.78 6.20 4.23
N GLY E 22 -24.96 6.22 4.86
CA GLY E 22 -26.21 6.68 4.28
C GLY E 22 -26.56 5.93 3.00
N GLY E 23 -26.35 4.61 2.99
CA GLY E 23 -26.79 3.73 1.94
C GLY E 23 -25.83 3.65 0.77
N ALA E 24 -24.70 4.36 0.84
CA ALA E 24 -23.73 4.42 -0.25
C ALA E 24 -23.14 3.03 -0.48
N PRO E 25 -22.72 2.69 -1.72
CA PRO E 25 -22.07 1.40 -1.97
C PRO E 25 -20.68 1.32 -1.34
N ILE E 26 -20.26 0.10 -0.99
CA ILE E 26 -18.92 -0.19 -0.45
C ILE E 26 -17.94 -0.32 -1.61
N LEU E 27 -16.70 0.16 -1.41
CA LEU E 27 -15.58 -0.11 -2.34
C LEU E 27 -14.82 -1.34 -1.84
N LYS E 28 -14.28 -2.13 -2.76
CA LYS E 28 -13.42 -3.27 -2.40
C LYS E 28 -12.10 -2.77 -1.80
N GLN E 29 -11.63 -1.59 -2.26
CA GLN E 29 -10.46 -0.94 -1.67
C GLN E 29 -10.75 0.41 -0.97
N SER E 30 -11.02 0.29 0.32
CA SER E 30 -11.59 1.34 1.13
C SER E 30 -10.49 2.18 1.82
N LYS E 31 -9.22 1.83 1.61
CA LYS E 31 -8.08 2.52 2.23
C LYS E 31 -7.00 2.78 1.17
N PHE E 32 -6.26 3.88 1.35
CA PHE E 32 -5.36 4.41 0.34
C PHE E 32 -4.42 5.40 1.00
N LYS E 33 -3.17 5.48 0.52
CA LYS E 33 -2.21 6.46 1.01
C LYS E 33 -2.34 7.71 0.15
N VAL E 34 -2.26 8.88 0.79
CA VAL E 34 -2.29 10.15 0.07
C VAL E 34 -1.32 11.13 0.71
N SER E 35 -0.60 11.88 -0.15
CA SER E 35 0.36 12.88 0.28
C SER E 35 -0.39 13.99 1.04
N GLY E 36 0.14 14.40 2.20
CA GLY E 36 -0.51 15.40 3.03
C GLY E 36 -0.42 16.82 2.48
N SER E 37 0.24 16.97 1.33
CA SER E 37 0.35 18.22 0.63
C SER E 37 -0.74 18.34 -0.43
N ASP E 38 -1.36 17.20 -0.84
CA ASP E 38 -2.48 17.22 -1.76
C ASP E 38 -3.64 18.03 -1.18
N LYS E 39 -4.48 18.57 -2.07
CA LYS E 39 -5.69 19.28 -1.69
C LYS E 39 -6.79 18.23 -1.50
N PHE E 40 -7.75 18.52 -0.62
CA PHE E 40 -8.77 17.55 -0.26
C PHE E 40 -9.58 17.15 -1.51
N ALA E 41 -9.75 18.11 -2.42
CA ALA E 41 -10.43 17.92 -3.71
C ALA E 41 -10.03 16.58 -4.34
N ASN E 42 -8.72 16.27 -4.29
CA ASN E 42 -8.18 15.01 -4.82
C ASN E 42 -8.99 13.82 -4.30
N VAL E 43 -9.28 13.81 -2.99
CA VAL E 43 -9.98 12.73 -2.34
C VAL E 43 -11.43 12.70 -2.84
N ILE E 44 -12.05 13.87 -2.98
CA ILE E 44 -13.46 13.95 -3.35
C ILE E 44 -13.60 13.45 -4.81
N ASP E 45 -12.75 14.00 -5.69
CA ASP E 45 -12.77 13.65 -7.10
C ASP E 45 -12.61 12.13 -7.26
N PHE E 46 -11.72 11.55 -6.42
CA PHE E 46 -11.39 10.14 -6.49
C PHE E 46 -12.62 9.30 -6.17
N LEU E 47 -13.39 9.71 -5.14
CA LEU E 47 -14.65 9.03 -4.77
C LEU E 47 -15.59 9.03 -5.96
N ARG E 48 -15.83 10.22 -6.54
CA ARG E 48 -16.84 10.39 -7.56
C ARG E 48 -16.52 9.51 -8.78
N ARG E 49 -15.21 9.44 -9.11
CA ARG E 49 -14.70 8.61 -10.20
C ARG E 49 -15.14 7.15 -9.99
N GLN E 50 -15.06 6.67 -8.73
CA GLN E 50 -15.31 5.28 -8.40
C GLN E 50 -16.82 5.00 -8.25
N LEU E 51 -17.57 5.99 -7.78
CA LEU E 51 -19.00 5.81 -7.44
C LEU E 51 -19.90 6.05 -8.68
N HIS E 52 -19.47 6.94 -9.59
CA HIS E 52 -20.29 7.34 -10.74
C HIS E 52 -21.69 7.82 -10.26
N SER E 53 -21.80 8.40 -9.06
CA SER E 53 -22.80 9.33 -8.64
C SER E 53 -22.06 10.65 -8.43
N ASP E 54 -22.52 11.68 -9.16
CA ASP E 54 -21.89 13.02 -9.02
C ASP E 54 -22.19 13.54 -7.61
N SER E 55 -23.44 13.46 -7.14
CA SER E 55 -23.88 13.86 -5.85
C SER E 55 -23.46 12.87 -4.75
N LEU E 56 -23.02 13.44 -3.64
CA LEU E 56 -22.38 12.79 -2.56
C LEU E 56 -22.07 13.87 -1.48
N PHE E 57 -22.20 13.42 -0.23
CA PHE E 57 -21.64 14.09 0.97
C PHE E 57 -20.29 13.47 1.31
N VAL E 58 -19.31 14.33 1.61
CA VAL E 58 -17.98 13.87 2.09
C VAL E 58 -17.60 14.71 3.31
N TYR E 59 -17.47 14.05 4.46
CA TYR E 59 -17.34 14.77 5.72
C TYR E 59 -16.51 13.95 6.70
N VAL E 60 -16.01 14.65 7.73
CA VAL E 60 -15.23 14.05 8.82
C VAL E 60 -15.95 14.38 10.12
N ASN E 61 -15.97 13.40 11.03
CA ASN E 61 -16.59 13.54 12.35
C ASN E 61 -15.55 13.92 13.40
N SER E 62 -16.04 14.52 14.49
CA SER E 62 -15.24 14.83 15.66
C SER E 62 -16.14 14.91 16.90
N ALA E 63 -15.58 14.57 18.06
CA ALA E 63 -16.24 14.66 19.35
C ALA E 63 -15.74 15.91 20.08
N PHE E 64 -16.53 16.40 21.04
CA PHE E 64 -16.28 17.66 21.69
C PHE E 64 -16.72 17.57 23.16
N SER E 65 -15.80 17.84 24.09
CA SER E 65 -16.05 17.92 25.50
C SER E 65 -16.16 19.37 25.94
N PRO E 66 -17.38 19.92 26.11
CA PRO E 66 -17.57 21.33 26.43
C PRO E 66 -17.06 21.69 27.84
N ASN E 67 -16.69 22.96 28.03
CA ASN E 67 -16.31 23.47 29.33
C ASN E 67 -17.56 23.56 30.20
N PRO E 68 -17.52 23.07 31.46
CA PRO E 68 -18.65 23.17 32.37
C PRO E 68 -19.27 24.57 32.56
N ASP E 69 -18.53 25.62 32.16
CA ASP E 69 -19.02 27.01 32.27
C ASP E 69 -19.78 27.44 31.01
N GLU E 70 -20.25 26.48 30.19
CA GLU E 70 -20.89 26.83 28.93
C GLU E 70 -22.41 26.67 29.08
N SER E 71 -23.15 27.67 28.61
CA SER E 71 -24.60 27.74 28.71
C SER E 71 -25.24 26.75 27.73
N VAL E 72 -26.23 26.00 28.21
CA VAL E 72 -26.87 24.92 27.48
C VAL E 72 -27.42 25.45 26.13
N ILE E 73 -27.78 26.72 26.05
CA ILE E 73 -28.25 27.31 24.78
C ILE E 73 -27.12 27.30 23.75
N ASP E 74 -25.94 27.82 24.14
CA ASP E 74 -24.79 27.96 23.22
C ASP E 74 -24.36 26.58 22.70
N LEU E 75 -24.53 25.55 23.53
CA LEU E 75 -24.31 24.18 23.12
C LEU E 75 -25.33 23.80 22.05
N TYR E 76 -26.61 24.03 22.35
CA TYR E 76 -27.71 23.66 21.45
C TYR E 76 -27.52 24.32 20.09
N ASN E 77 -27.09 25.59 20.09
CA ASN E 77 -26.87 26.35 18.86
C ASN E 77 -25.83 25.63 17.99
N ASN E 78 -24.80 25.06 18.63
CA ASN E 78 -23.65 24.48 17.94
C ASN E 78 -23.90 23.01 17.61
N PHE E 79 -24.48 22.24 18.54
CA PHE E 79 -24.60 20.78 18.38
C PHE E 79 -26.05 20.30 18.58
N GLY E 80 -27.03 21.21 18.46
CA GLY E 80 -28.43 20.88 18.66
C GLY E 80 -29.19 20.90 17.34
N PHE E 81 -30.36 20.25 17.34
CA PHE E 81 -31.29 20.29 16.24
C PHE E 81 -32.70 20.07 16.78
N ASP E 82 -33.70 20.65 16.09
CA ASP E 82 -35.12 20.30 16.29
C ASP E 82 -35.57 20.62 17.73
N GLY E 83 -34.80 21.45 18.46
CA GLY E 83 -35.15 21.79 19.85
C GLY E 83 -34.64 20.76 20.84
N LYS E 84 -33.71 19.92 20.37
CA LYS E 84 -33.16 18.80 21.09
C LYS E 84 -31.64 18.88 21.05
N LEU E 85 -31.01 18.48 22.15
CA LEU E 85 -29.56 18.40 22.29
C LEU E 85 -29.23 16.98 22.75
N VAL E 86 -28.38 16.29 21.98
CA VAL E 86 -27.96 14.94 22.28
C VAL E 86 -26.57 15.01 22.93
N VAL E 87 -26.49 14.62 24.20
CA VAL E 87 -25.23 14.55 24.91
C VAL E 87 -24.91 13.07 25.15
N ASN E 88 -23.68 12.66 24.75
CA ASN E 88 -23.20 11.33 24.99
C ASN E 88 -22.34 11.30 26.25
N TYR E 89 -22.25 10.11 26.83
CA TYR E 89 -21.49 9.85 28.04
C TYR E 89 -20.99 8.40 28.01
N ALA E 90 -19.78 8.17 28.54
CA ALA E 90 -19.10 6.89 28.45
C ALA E 90 -18.25 6.65 29.71
N CYS E 91 -17.73 5.43 29.84
CA CYS E 91 -16.70 5.09 30.80
C CYS E 91 -15.36 4.85 30.10
N SER E 92 -15.39 4.34 28.86
CA SER E 92 -14.17 4.07 28.13
C SER E 92 -14.13 4.87 26.83
N MET E 93 -12.92 4.92 26.26
CA MET E 93 -12.67 5.44 24.92
C MET E 93 -11.51 4.63 24.32
N ALA E 94 -11.58 4.38 23.02
CA ALA E 94 -10.63 3.52 22.35
C ALA E 94 -9.34 4.32 22.08
N TRP E 95 -8.21 3.61 22.03
CA TRP E 95 -6.95 4.22 21.66
C TRP E 95 -6.75 4.13 20.14
N GLY E 96 -6.09 5.16 19.60
CA GLY E 96 -5.63 5.20 18.24
C GLY E 96 -4.18 5.64 18.18
N GLN F 12 -35.93 29.41 24.34
CA GLN F 12 -36.85 28.55 25.14
C GLN F 12 -36.06 27.60 26.06
N LYS F 13 -36.61 26.44 26.25
CA LYS F 13 -36.04 25.31 27.04
C LYS F 13 -35.55 24.30 25.99
N ILE F 14 -34.45 23.60 26.28
CA ILE F 14 -33.88 22.59 25.41
C ILE F 14 -34.02 21.21 26.06
N VAL F 15 -34.32 20.20 25.23
CA VAL F 15 -34.38 18.81 25.67
C VAL F 15 -33.02 18.17 25.34
N VAL F 16 -32.44 17.54 26.37
CA VAL F 16 -31.17 16.86 26.26
C VAL F 16 -31.43 15.34 26.26
N HIS F 17 -31.05 14.69 25.16
CA HIS F 17 -31.09 13.24 25.03
C HIS F 17 -29.73 12.69 25.45
N LEU F 18 -29.74 11.67 26.33
CA LEU F 18 -28.53 11.09 26.88
C LEU F 18 -28.36 9.67 26.30
N ARG F 19 -27.43 9.56 25.34
CA ARG F 19 -27.03 8.27 24.77
C ARG F 19 -25.82 7.73 25.53
N ALA F 20 -25.98 6.52 26.08
CA ALA F 20 -24.89 5.79 26.76
C ALA F 20 -24.01 5.12 25.71
N THR F 21 -22.71 5.44 25.72
CA THR F 21 -21.74 4.91 24.78
C THR F 21 -20.65 4.16 25.56
N GLY F 22 -19.84 3.39 24.81
CA GLY F 22 -18.59 2.82 25.31
C GLY F 22 -18.76 1.99 26.57
N GLY F 23 -19.85 1.20 26.63
CA GLY F 23 -20.08 0.23 27.69
C GLY F 23 -20.71 0.82 28.93
N ALA F 24 -21.00 2.13 28.93
CA ALA F 24 -21.55 2.82 30.10
C ALA F 24 -22.94 2.28 30.38
N PRO F 25 -23.41 2.30 31.66
CA PRO F 25 -24.76 1.84 31.99
C PRO F 25 -25.85 2.78 31.45
N ILE F 26 -27.01 2.22 31.15
CA ILE F 26 -28.17 2.92 30.63
C ILE F 26 -28.95 3.52 31.80
N LEU F 27 -29.52 4.70 31.58
CA LEU F 27 -30.25 5.48 32.56
C LEU F 27 -31.75 5.16 32.50
N LYS F 28 -32.41 5.28 33.66
CA LYS F 28 -33.85 5.07 33.78
C LYS F 28 -34.61 6.15 33.00
N GLN F 29 -34.05 7.37 32.93
CA GLN F 29 -34.67 8.48 32.22
C GLN F 29 -33.62 9.15 31.34
N SER F 30 -33.72 8.90 30.03
CA SER F 30 -32.68 9.22 29.07
C SER F 30 -32.88 10.61 28.46
N LYS F 31 -33.94 11.34 28.83
CA LYS F 31 -34.15 12.73 28.45
C LYS F 31 -34.51 13.56 29.68
N PHE F 32 -34.15 14.85 29.63
CA PHE F 32 -34.71 15.86 30.54
C PHE F 32 -34.70 17.21 29.81
N LYS F 33 -35.68 18.05 30.13
CA LYS F 33 -35.74 19.41 29.63
C LYS F 33 -34.97 20.31 30.59
N VAL F 34 -34.21 21.27 30.04
CA VAL F 34 -33.33 22.12 30.83
C VAL F 34 -33.33 23.54 30.23
N SER F 35 -33.30 24.53 31.14
CA SER F 35 -33.29 25.94 30.79
C SER F 35 -31.99 26.25 30.03
N GLY F 36 -32.11 26.99 28.92
CA GLY F 36 -31.00 27.35 28.06
C GLY F 36 -30.07 28.38 28.66
N SER F 37 -30.38 28.85 29.86
CA SER F 37 -29.54 29.78 30.60
C SER F 37 -28.63 29.02 31.57
N ASP F 38 -28.98 27.76 31.90
CA ASP F 38 -28.15 26.92 32.76
C ASP F 38 -26.78 26.70 32.13
N LYS F 39 -25.80 26.44 32.98
CA LYS F 39 -24.46 26.08 32.55
C LYS F 39 -24.44 24.58 32.27
N PHE F 40 -23.57 24.14 31.37
CA PHE F 40 -23.48 22.74 30.99
C PHE F 40 -23.16 21.87 32.22
N ALA F 41 -22.37 22.43 33.14
CA ALA F 41 -22.02 21.79 34.41
C ALA F 41 -23.24 21.09 35.03
N ASN F 42 -24.38 21.79 35.02
CA ASN F 42 -25.64 21.27 35.54
C ASN F 42 -25.92 19.86 34.99
N VAL F 43 -25.73 19.71 33.67
CA VAL F 43 -26.02 18.46 32.98
C VAL F 43 -25.02 17.40 33.45
N ILE F 44 -23.74 17.78 33.57
CA ILE F 44 -22.66 16.85 33.92
C ILE F 44 -22.89 16.37 35.35
N ASP F 45 -23.10 17.33 36.27
CA ASP F 45 -23.31 17.03 37.68
C ASP F 45 -24.49 16.05 37.82
N PHE F 46 -25.53 16.27 37.01
CA PHE F 46 -26.75 15.47 37.05
C PHE F 46 -26.44 14.01 36.67
N LEU F 47 -25.62 13.82 35.63
CA LEU F 47 -25.16 12.48 35.21
C LEU F 47 -24.46 11.80 36.39
N ARG F 48 -23.48 12.49 36.98
CA ARG F 48 -22.60 11.89 37.99
C ARG F 48 -23.44 11.45 39.20
N ARG F 49 -24.44 12.27 39.56
CA ARG F 49 -25.36 11.98 40.64
C ARG F 49 -26.03 10.62 40.41
N GLN F 50 -26.42 10.35 39.15
CA GLN F 50 -27.18 9.16 38.78
C GLN F 50 -26.24 7.95 38.60
N LEU F 51 -25.02 8.18 38.12
CA LEU F 51 -24.12 7.10 37.65
C LEU F 51 -23.17 6.65 38.75
N HIS F 52 -22.51 7.60 39.42
CA HIS F 52 -21.50 7.29 40.46
C HIS F 52 -20.38 6.41 39.88
N SER F 53 -19.88 6.82 38.72
CA SER F 53 -18.79 6.13 38.02
C SER F 53 -17.49 6.94 38.05
N ASP F 54 -16.38 6.25 38.34
CA ASP F 54 -15.04 6.83 38.44
C ASP F 54 -14.67 7.52 37.12
N SER F 55 -14.69 6.75 36.03
CA SER F 55 -14.42 7.31 34.68
C SER F 55 -15.71 7.87 34.12
N LEU F 56 -15.64 9.07 33.52
CA LEU F 56 -16.82 9.63 32.86
C LEU F 56 -16.43 10.67 31.83
N PHE F 57 -16.67 10.34 30.56
CA PHE F 57 -16.55 11.23 29.41
C PHE F 57 -17.94 11.76 29.08
N VAL F 58 -18.04 13.06 28.78
CA VAL F 58 -19.29 13.67 28.29
C VAL F 58 -18.96 14.54 27.08
N TYR F 59 -19.54 14.18 25.94
CA TYR F 59 -19.18 14.84 24.69
C TYR F 59 -20.37 14.90 23.75
N VAL F 60 -20.26 15.82 22.80
CA VAL F 60 -21.21 16.07 21.72
C VAL F 60 -20.41 15.99 20.44
N ASN F 61 -21.03 15.46 19.38
CA ASN F 61 -20.39 15.33 18.06
C ASN F 61 -20.81 16.51 17.17
N SER F 62 -20.00 16.80 16.15
CA SER F 62 -20.44 17.54 14.97
C SER F 62 -19.66 17.09 13.73
N ALA F 63 -20.34 17.12 12.58
CA ALA F 63 -19.76 16.68 11.31
C ALA F 63 -19.36 17.90 10.49
N PHE F 64 -18.39 17.70 9.59
CA PHE F 64 -17.59 18.81 9.03
C PHE F 64 -17.18 18.44 7.59
N SER F 65 -17.63 19.25 6.64
CA SER F 65 -17.39 19.05 5.21
C SER F 65 -16.30 20.00 4.73
N PRO F 66 -15.03 19.55 4.63
CA PRO F 66 -13.91 20.42 4.36
C PRO F 66 -13.93 21.05 2.96
N ASN F 67 -13.33 22.24 2.86
CA ASN F 67 -13.22 22.94 1.59
C ASN F 67 -12.18 22.21 0.74
N PRO F 68 -12.48 21.93 -0.54
CA PRO F 68 -11.52 21.29 -1.45
C PRO F 68 -10.13 21.95 -1.53
N ASP F 69 -9.99 23.19 -1.07
CA ASP F 69 -8.69 23.89 -1.07
C ASP F 69 -7.91 23.63 0.22
N GLU F 70 -8.25 22.58 0.96
CA GLU F 70 -7.60 22.32 2.24
C GLU F 70 -6.65 21.14 2.07
N SER F 71 -5.42 21.29 2.56
CA SER F 71 -4.37 20.28 2.45
C SER F 71 -4.66 19.14 3.41
N VAL F 72 -4.52 17.90 2.91
CA VAL F 72 -4.87 16.69 3.64
C VAL F 72 -4.15 16.64 5.00
N ILE F 73 -2.95 17.25 5.08
CA ILE F 73 -2.20 17.28 6.34
C ILE F 73 -2.97 18.12 7.38
N ASP F 74 -3.40 19.33 7.00
CA ASP F 74 -4.05 20.26 7.94
C ASP F 74 -5.35 19.65 8.48
N LEU F 75 -6.01 18.83 7.66
CA LEU F 75 -7.16 18.07 8.08
C LEU F 75 -6.72 17.05 9.14
N TYR F 76 -5.70 16.26 8.79
CA TYR F 76 -5.22 15.18 9.66
C TYR F 76 -4.81 15.74 11.03
N ASN F 77 -4.18 16.91 11.04
CA ASN F 77 -3.73 17.56 12.26
C ASN F 77 -4.94 17.83 13.18
N ASN F 78 -6.06 18.21 12.57
CA ASN F 78 -7.25 18.64 13.31
C ASN F 78 -8.15 17.45 13.63
N PHE F 79 -8.35 16.53 12.69
CA PHE F 79 -9.34 15.45 12.85
C PHE F 79 -8.73 14.07 12.59
N GLY F 80 -7.39 13.95 12.67
CA GLY F 80 -6.69 12.69 12.42
C GLY F 80 -6.13 12.11 13.70
N PHE F 81 -5.78 10.83 13.66
CA PHE F 81 -5.07 10.15 14.75
C PHE F 81 -4.26 9.00 14.14
N ASP F 82 -3.15 8.65 14.79
CA ASP F 82 -2.41 7.41 14.55
C ASP F 82 -1.91 7.34 13.10
N GLY F 83 -1.83 8.48 12.39
CA GLY F 83 -1.38 8.52 11.00
C GLY F 83 -2.50 8.19 10.01
N LYS F 84 -3.74 8.26 10.51
CA LYS F 84 -4.93 7.90 9.80
C LYS F 84 -5.93 9.06 9.91
N LEU F 85 -6.65 9.30 8.81
CA LEU F 85 -7.75 10.23 8.73
C LEU F 85 -8.95 9.45 8.17
N VAL F 86 -10.06 9.48 8.89
CA VAL F 86 -11.23 8.67 8.52
C VAL F 86 -12.28 9.60 7.90
N VAL F 87 -12.52 9.43 6.60
CA VAL F 87 -13.43 10.28 5.84
C VAL F 87 -14.65 9.44 5.48
N ASN F 88 -15.84 10.00 5.77
CA ASN F 88 -17.09 9.36 5.40
C ASN F 88 -17.60 9.93 4.07
N TYR F 89 -18.43 9.13 3.41
CA TYR F 89 -19.05 9.47 2.13
C TYR F 89 -20.41 8.79 2.05
N ALA F 90 -21.38 9.48 1.45
CA ALA F 90 -22.77 9.03 1.38
C ALA F 90 -23.42 9.59 0.12
N CYS F 91 -24.59 9.04 -0.23
CA CYS F 91 -25.40 9.52 -1.35
C CYS F 91 -26.68 10.21 -0.86
N SER F 92 -27.22 9.72 0.26
CA SER F 92 -28.38 10.28 0.90
C SER F 92 -28.04 10.67 2.35
N MET F 93 -28.96 11.39 3.00
CA MET F 93 -28.79 11.79 4.39
C MET F 93 -30.11 11.61 5.16
N ALA F 94 -29.95 11.15 6.39
CA ALA F 94 -31.05 10.71 7.21
C ALA F 94 -31.73 11.93 7.83
N TRP F 95 -33.00 11.74 8.18
CA TRP F 95 -33.81 12.66 8.96
C TRP F 95 -34.45 13.71 8.05
N GLY F 96 -33.68 14.37 7.18
CA GLY F 96 -34.18 15.25 6.13
C GLY F 96 -35.06 16.36 6.68
N LYS G 13 -20.80 8.09 -60.78
CA LYS G 13 -20.03 8.14 -62.05
C LYS G 13 -18.80 7.23 -62.00
N ILE G 14 -18.29 6.99 -60.78
CA ILE G 14 -17.15 6.12 -60.52
C ILE G 14 -17.63 4.87 -59.75
N VAL G 15 -17.07 3.72 -60.12
CA VAL G 15 -17.46 2.43 -59.62
C VAL G 15 -16.53 2.04 -58.46
N VAL G 16 -17.13 1.71 -57.32
CA VAL G 16 -16.42 1.33 -56.11
C VAL G 16 -16.57 -0.18 -55.94
N HIS G 17 -15.44 -0.88 -55.93
CA HIS G 17 -15.36 -2.31 -55.61
C HIS G 17 -15.07 -2.43 -54.11
N LEU G 18 -15.83 -3.29 -53.42
CA LEU G 18 -15.63 -3.57 -52.01
C LEU G 18 -15.03 -4.98 -51.85
N ARG G 19 -13.72 -5.02 -51.58
CA ARG G 19 -13.01 -6.25 -51.29
C ARG G 19 -12.95 -6.45 -49.76
N ALA G 20 -13.51 -7.57 -49.30
CA ALA G 20 -13.59 -7.91 -47.88
C ALA G 20 -12.25 -8.48 -47.41
N THR G 21 -11.68 -7.85 -46.37
CA THR G 21 -10.47 -8.33 -45.70
C THR G 21 -10.81 -8.69 -44.25
N GLY G 22 -9.84 -9.33 -43.59
CA GLY G 22 -9.78 -9.45 -42.12
C GLY G 22 -11.06 -10.03 -41.52
N GLY G 23 -11.62 -11.06 -42.18
CA GLY G 23 -12.62 -11.93 -41.58
C GLY G 23 -14.04 -11.39 -41.73
N ALA G 24 -14.20 -10.25 -42.41
CA ALA G 24 -15.54 -9.64 -42.55
C ALA G 24 -16.42 -10.56 -43.38
N PRO G 25 -17.76 -10.52 -43.21
CA PRO G 25 -18.67 -11.27 -44.08
C PRO G 25 -18.69 -10.73 -45.52
N ILE G 26 -18.96 -11.63 -46.47
CA ILE G 26 -18.99 -11.33 -47.90
C ILE G 26 -20.38 -10.76 -48.25
N LEU G 27 -20.38 -9.79 -49.17
CA LEU G 27 -21.58 -8.98 -49.46
C LEU G 27 -22.29 -9.56 -50.70
N LYS G 28 -23.61 -9.41 -50.73
CA LYS G 28 -24.44 -9.81 -51.86
C LYS G 28 -24.11 -8.91 -53.07
N GLN G 29 -23.77 -7.65 -52.82
CA GLN G 29 -23.47 -6.67 -53.86
C GLN G 29 -22.17 -5.95 -53.50
N SER G 30 -21.07 -6.34 -54.16
CA SER G 30 -19.73 -5.92 -53.83
C SER G 30 -19.32 -4.67 -54.61
N LYS G 31 -20.18 -4.19 -55.52
CA LYS G 31 -19.91 -3.01 -56.34
C LYS G 31 -21.13 -2.08 -56.33
N PHE G 32 -20.87 -0.78 -56.47
CA PHE G 32 -21.90 0.21 -56.75
C PHE G 32 -21.24 1.39 -57.49
N LYS G 33 -22.04 2.10 -58.31
CA LYS G 33 -21.62 3.33 -58.91
C LYS G 33 -21.98 4.49 -57.97
N VAL G 34 -21.09 5.48 -57.86
CA VAL G 34 -21.30 6.63 -57.00
C VAL G 34 -20.80 7.91 -57.69
N SER G 35 -21.56 8.99 -57.48
CA SER G 35 -21.46 10.21 -58.25
C SER G 35 -20.09 10.86 -58.18
N GLY G 36 -19.31 10.61 -57.11
CA GLY G 36 -17.98 11.17 -56.97
C GLY G 36 -17.99 12.64 -56.55
N SER G 37 -19.17 13.27 -56.53
CA SER G 37 -19.38 14.53 -55.80
C SER G 37 -19.91 14.24 -54.38
N ASP G 38 -20.44 13.02 -54.16
CA ASP G 38 -20.90 12.57 -52.86
C ASP G 38 -19.72 12.56 -51.88
N LYS G 39 -20.04 12.67 -50.59
CA LYS G 39 -19.05 12.56 -49.53
C LYS G 39 -18.85 11.08 -49.22
N PHE G 40 -17.65 10.71 -48.76
CA PHE G 40 -17.28 9.32 -48.56
C PHE G 40 -18.23 8.66 -47.56
N ALA G 41 -18.70 9.44 -46.57
CA ALA G 41 -19.68 8.99 -45.57
C ALA G 41 -20.79 8.15 -46.23
N ASN G 42 -21.28 8.61 -47.38
CA ASN G 42 -22.32 7.91 -48.15
C ASN G 42 -21.94 6.43 -48.33
N VAL G 43 -20.68 6.18 -48.69
CA VAL G 43 -20.19 4.84 -48.97
C VAL G 43 -20.16 4.04 -47.66
N ILE G 44 -19.71 4.69 -46.58
CA ILE G 44 -19.53 4.03 -45.28
C ILE G 44 -20.92 3.67 -44.74
N ASP G 45 -21.84 4.64 -44.75
CA ASP G 45 -23.20 4.43 -44.26
C ASP G 45 -23.85 3.27 -45.03
N PHE G 46 -23.57 3.20 -46.34
CA PHE G 46 -24.15 2.17 -47.21
C PHE G 46 -23.66 0.78 -46.77
N LEU G 47 -22.37 0.66 -46.43
CA LEU G 47 -21.82 -0.60 -45.90
C LEU G 47 -22.56 -1.00 -44.62
N ARG G 48 -22.68 -0.07 -43.68
CA ARG G 48 -23.21 -0.35 -42.35
C ARG G 48 -24.67 -0.83 -42.47
N ARG G 49 -25.41 -0.21 -43.40
CA ARG G 49 -26.79 -0.57 -43.71
C ARG G 49 -26.86 -2.07 -44.08
N GLN G 50 -25.88 -2.53 -44.87
CA GLN G 50 -25.88 -3.90 -45.40
C GLN G 50 -25.31 -4.90 -44.37
N LEU G 51 -24.37 -4.45 -43.52
CA LEU G 51 -23.64 -5.33 -42.60
C LEU G 51 -24.35 -5.46 -41.24
N HIS G 52 -24.86 -4.36 -40.70
CA HIS G 52 -25.41 -4.30 -39.33
C HIS G 52 -24.34 -4.73 -38.33
N SER G 53 -23.12 -4.22 -38.51
CA SER G 53 -22.02 -4.37 -37.59
C SER G 53 -21.67 -3.00 -37.00
N ASP G 54 -21.59 -2.93 -35.66
CA ASP G 54 -21.21 -1.70 -34.96
C ASP G 54 -19.82 -1.24 -35.40
N SER G 55 -18.84 -2.15 -35.27
CA SER G 55 -17.46 -1.96 -35.61
C SER G 55 -17.27 -2.07 -37.12
N LEU G 56 -16.44 -1.15 -37.66
CA LEU G 56 -16.23 -1.11 -39.10
C LEU G 56 -14.98 -0.29 -39.41
N PHE G 57 -13.99 -0.96 -40.01
CA PHE G 57 -12.81 -0.38 -40.60
C PHE G 57 -13.03 -0.14 -42.10
N VAL G 58 -12.58 1.01 -42.58
CA VAL G 58 -12.62 1.34 -44.00
C VAL G 58 -11.23 1.82 -44.43
N TYR G 59 -10.62 0.95 -45.25
CA TYR G 59 -9.20 1.09 -45.59
C TYR G 59 -9.03 0.84 -47.10
N VAL G 60 -8.19 1.69 -47.71
CA VAL G 60 -7.91 1.73 -49.10
C VAL G 60 -6.40 1.57 -49.26
N ASN G 61 -5.96 0.90 -50.32
CA ASN G 61 -4.55 0.75 -50.62
C ASN G 61 -3.85 2.12 -50.49
N SER G 62 -2.55 2.04 -50.19
CA SER G 62 -1.68 3.16 -50.05
C SER G 62 -0.24 2.68 -50.24
N ALA G 63 0.62 3.55 -50.80
CA ALA G 63 2.05 3.30 -50.79
C ALA G 63 2.68 4.15 -49.68
N PHE G 64 3.82 3.68 -49.15
CA PHE G 64 4.45 4.32 -48.00
C PHE G 64 5.96 4.27 -48.16
N SER G 65 6.57 5.46 -48.26
CA SER G 65 8.00 5.63 -48.49
C SER G 65 8.65 6.02 -47.17
N PRO G 66 9.28 5.09 -46.43
CA PRO G 66 9.83 5.39 -45.11
C PRO G 66 11.04 6.32 -45.17
N ASN G 67 11.29 7.04 -44.09
CA ASN G 67 12.43 7.93 -43.97
C ASN G 67 13.67 7.04 -43.80
N PRO G 68 14.77 7.29 -44.54
CA PRO G 68 16.03 6.57 -44.34
C PRO G 68 16.56 6.52 -42.88
N ASP G 69 16.05 7.39 -42.00
CA ASP G 69 16.43 7.48 -40.62
C ASP G 69 15.55 6.55 -39.74
N GLU G 70 14.88 5.55 -40.34
CA GLU G 70 13.99 4.69 -39.59
C GLU G 70 14.69 3.35 -39.33
N SER G 71 14.60 2.87 -38.08
CA SER G 71 15.22 1.60 -37.68
C SER G 71 14.38 0.45 -38.23
N VAL G 72 15.04 -0.55 -38.83
CA VAL G 72 14.38 -1.64 -39.54
C VAL G 72 13.36 -2.34 -38.61
N ILE G 73 13.64 -2.36 -37.29
CA ILE G 73 12.73 -2.98 -36.33
C ILE G 73 11.41 -2.21 -36.30
N ASP G 74 11.45 -0.88 -36.16
CA ASP G 74 10.25 -0.05 -36.01
C ASP G 74 9.36 -0.19 -37.24
N LEU G 75 9.99 -0.39 -38.41
CA LEU G 75 9.26 -0.67 -39.63
C LEU G 75 8.56 -2.02 -39.50
N TYR G 76 9.33 -3.05 -39.12
CA TYR G 76 8.83 -4.42 -39.03
C TYR G 76 7.65 -4.49 -38.06
N ASN G 77 7.73 -3.74 -36.96
CA ASN G 77 6.67 -3.72 -35.95
C ASN G 77 5.37 -3.22 -36.58
N ASN G 78 5.48 -2.24 -37.48
CA ASN G 78 4.33 -1.56 -38.06
C ASN G 78 3.82 -2.29 -39.31
N PHE G 79 4.74 -2.72 -40.18
CA PHE G 79 4.35 -3.28 -41.49
C PHE G 79 4.97 -4.66 -41.73
N GLY G 80 5.38 -5.34 -40.65
CA GLY G 80 5.95 -6.68 -40.72
C GLY G 80 4.96 -7.75 -40.24
N PHE G 81 4.89 -8.85 -41.01
CA PHE G 81 3.85 -9.84 -41.00
C PHE G 81 4.40 -11.13 -41.57
N ASP G 82 3.90 -12.27 -41.04
CA ASP G 82 4.40 -13.61 -41.34
C ASP G 82 5.91 -13.75 -41.04
N GLY G 83 6.46 -12.84 -40.22
CA GLY G 83 7.87 -12.83 -39.86
C GLY G 83 8.75 -12.14 -40.90
N LYS G 84 8.12 -11.40 -41.80
CA LYS G 84 8.70 -10.91 -43.03
C LYS G 84 8.37 -9.43 -43.16
N LEU G 85 9.29 -8.66 -43.76
CA LEU G 85 9.00 -7.30 -44.22
C LEU G 85 9.22 -7.22 -45.74
N VAL G 86 8.16 -6.85 -46.44
CA VAL G 86 8.15 -6.86 -47.90
C VAL G 86 8.32 -5.41 -48.38
N VAL G 87 9.45 -5.12 -49.02
CA VAL G 87 9.76 -3.80 -49.50
C VAL G 87 9.70 -3.84 -51.04
N ASN G 88 8.96 -2.90 -51.62
CA ASN G 88 8.87 -2.76 -53.06
C ASN G 88 9.85 -1.67 -53.52
N TYR G 89 10.24 -1.78 -54.80
CA TYR G 89 11.12 -0.81 -55.44
C TYR G 89 10.76 -0.71 -56.93
N ALA G 90 10.82 0.51 -57.47
CA ALA G 90 10.44 0.80 -58.84
C ALA G 90 11.19 2.06 -59.29
N CYS G 91 11.22 2.28 -60.61
CA CYS G 91 11.74 3.49 -61.20
C CYS G 91 10.63 4.28 -61.91
N SER G 92 9.43 3.74 -62.12
CA SER G 92 8.57 4.14 -63.21
C SER G 92 7.23 4.67 -62.70
N MET G 93 6.51 5.32 -63.63
CA MET G 93 5.13 5.77 -63.50
C MET G 93 4.84 6.11 -62.04
CA GLN H 12 16.48 -9.58 -33.40
C GLN H 12 16.51 -9.32 -34.92
N LYS H 13 16.64 -10.40 -35.72
CA LYS H 13 16.90 -10.29 -37.15
C LYS H 13 15.60 -10.48 -37.94
N ILE H 14 15.44 -9.67 -38.98
CA ILE H 14 14.25 -9.60 -39.81
C ILE H 14 14.64 -10.05 -41.22
N VAL H 15 13.72 -10.79 -41.86
CA VAL H 15 13.83 -11.17 -43.26
C VAL H 15 13.04 -10.16 -44.09
N VAL H 16 13.71 -9.57 -45.09
CA VAL H 16 13.13 -8.60 -45.97
C VAL H 16 12.89 -9.25 -47.33
N HIS H 17 11.62 -9.27 -47.76
CA HIS H 17 11.23 -9.74 -49.09
C HIS H 17 11.21 -8.54 -50.07
N LEU H 18 11.89 -8.70 -51.21
CA LEU H 18 12.13 -7.61 -52.16
C LEU H 18 11.30 -7.84 -53.42
N ARG H 19 10.19 -7.08 -53.53
CA ARG H 19 9.30 -7.14 -54.69
C ARG H 19 9.74 -6.09 -55.73
N ALA H 20 10.05 -6.57 -56.93
CA ALA H 20 10.41 -5.71 -58.06
C ALA H 20 9.11 -5.22 -58.72
N THR H 21 8.90 -3.90 -58.78
CA THR H 21 7.72 -3.30 -59.35
C THR H 21 8.12 -2.39 -60.49
N GLY H 22 7.13 -1.99 -61.31
CA GLY H 22 7.27 -0.93 -62.30
C GLY H 22 8.43 -1.13 -63.26
N GLY H 23 8.62 -2.39 -63.69
CA GLY H 23 9.56 -2.73 -64.75
C GLY H 23 10.98 -2.92 -64.25
N ALA H 24 11.20 -2.80 -62.95
CA ALA H 24 12.53 -2.97 -62.35
C ALA H 24 13.02 -4.40 -62.56
N PRO H 25 14.34 -4.64 -62.65
CA PRO H 25 14.87 -5.99 -62.87
C PRO H 25 14.67 -6.90 -61.65
N ILE H 26 14.53 -8.20 -61.94
CA ILE H 26 14.31 -9.24 -60.92
C ILE H 26 15.66 -9.65 -60.33
N LEU H 27 15.67 -9.93 -59.03
CA LEU H 27 16.92 -10.14 -58.28
C LEU H 27 17.19 -11.64 -58.15
N LYS H 28 18.48 -12.01 -58.15
CA LYS H 28 18.90 -13.40 -57.98
C LYS H 28 18.56 -13.88 -56.57
N GLN H 29 18.56 -12.99 -55.58
CA GLN H 29 18.14 -13.32 -54.22
C GLN H 29 17.17 -12.27 -53.70
N SER H 30 15.88 -12.63 -53.71
CA SER H 30 14.78 -11.69 -53.48
C SER H 30 14.38 -11.66 -52.00
N LYS H 31 15.03 -12.47 -51.15
CA LYS H 31 14.94 -12.30 -49.66
C LYS H 31 16.35 -12.30 -49.09
N PHE H 32 16.53 -11.55 -48.00
CA PHE H 32 17.78 -11.49 -47.25
C PHE H 32 17.47 -11.09 -45.81
N LYS H 33 18.35 -11.52 -44.89
CA LYS H 33 18.24 -11.23 -43.50
C LYS H 33 18.98 -9.92 -43.21
N VAL H 34 18.39 -9.11 -42.31
CA VAL H 34 19.00 -7.88 -41.85
C VAL H 34 18.77 -7.70 -40.35
N SER H 35 19.77 -7.16 -39.67
CA SER H 35 19.89 -7.19 -38.20
C SER H 35 18.70 -6.54 -37.49
N GLY H 36 17.92 -5.71 -38.17
CA GLY H 36 16.66 -5.21 -37.66
C GLY H 36 16.83 -4.06 -36.69
N SER H 37 18.04 -3.82 -36.20
CA SER H 37 18.42 -2.59 -35.51
C SER H 37 19.03 -1.59 -36.50
N ASP H 38 19.44 -2.06 -37.68
CA ASP H 38 19.97 -1.25 -38.76
C ASP H 38 18.96 -0.18 -39.16
N LYS H 39 19.48 0.94 -39.70
CA LYS H 39 18.64 1.97 -40.30
C LYS H 39 18.29 1.54 -41.74
N PHE H 40 17.16 2.04 -42.21
CA PHE H 40 16.59 1.65 -43.50
C PHE H 40 17.58 1.96 -44.63
N ALA H 41 18.34 3.06 -44.48
CA ALA H 41 19.37 3.44 -45.45
C ALA H 41 20.20 2.22 -45.88
N ASN H 42 20.57 1.38 -44.92
CA ASN H 42 21.33 0.15 -45.18
C ASN H 42 20.69 -0.65 -46.31
N VAL H 43 19.37 -0.80 -46.26
CA VAL H 43 18.62 -1.59 -47.23
C VAL H 43 18.69 -0.88 -48.60
N ILE H 44 18.55 0.45 -48.59
CA ILE H 44 18.51 1.23 -49.83
C ILE H 44 19.89 1.17 -50.48
N ASP H 45 20.92 1.45 -49.70
CA ASP H 45 22.31 1.43 -50.18
C ASP H 45 22.62 0.07 -50.80
N PHE H 46 22.11 -0.99 -50.17
CA PHE H 46 22.34 -2.36 -50.62
C PHE H 46 21.75 -2.59 -52.01
N LEU H 47 20.52 -2.07 -52.23
CA LEU H 47 19.87 -2.13 -53.55
C LEU H 47 20.75 -1.44 -54.59
N ARG H 48 21.16 -0.21 -54.29
CA ARG H 48 21.87 0.65 -55.26
C ARG H 48 23.18 -0.02 -55.67
N ARG H 49 23.84 -0.66 -54.71
CA ARG H 49 25.08 -1.41 -54.93
C ARG H 49 24.84 -2.48 -56.01
N GLN H 50 23.69 -3.16 -55.94
CA GLN H 50 23.37 -4.27 -56.85
C GLN H 50 22.82 -3.76 -58.19
N LEU H 51 22.11 -2.63 -58.19
CA LEU H 51 21.39 -2.13 -59.37
C LEU H 51 22.26 -1.21 -60.24
N HIS H 52 23.04 -0.32 -59.61
CA HIS H 52 23.79 0.76 -60.30
C HIS H 52 22.81 1.63 -61.09
N SER H 53 21.69 1.99 -60.45
CA SER H 53 20.63 2.77 -61.04
C SER H 53 20.51 4.09 -60.28
N ASP H 54 20.52 5.21 -61.02
CA ASP H 54 20.37 6.55 -60.47
C ASP H 54 19.04 6.66 -59.70
N SER H 55 17.95 6.35 -60.40
CA SER H 55 16.60 6.40 -59.87
C SER H 55 16.31 5.15 -59.06
N LEU H 56 15.65 5.35 -57.91
CA LEU H 56 15.27 4.24 -57.03
C LEU H 56 14.19 4.71 -56.06
N PHE H 57 12.99 4.11 -56.21
CA PHE H 57 11.87 4.22 -55.28
C PHE H 57 11.87 3.01 -54.36
N VAL H 58 11.68 3.21 -53.06
CA VAL H 58 11.66 2.10 -52.08
C VAL H 58 10.53 2.33 -51.10
N TYR H 59 9.52 1.45 -51.10
CA TYR H 59 8.31 1.68 -50.35
C TYR H 59 7.71 0.34 -49.90
N VAL H 60 6.82 0.43 -48.91
CA VAL H 60 6.06 -0.67 -48.37
C VAL H 60 4.58 -0.31 -48.50
N ASN H 61 3.73 -1.30 -48.76
CA ASN H 61 2.29 -1.15 -48.73
C ASN H 61 1.83 -0.66 -47.34
N SER H 62 0.65 -0.03 -47.34
CA SER H 62 0.04 0.57 -46.19
C SER H 62 -1.48 0.66 -46.39
N ALA H 63 -2.21 0.64 -45.26
CA ALA H 63 -3.65 0.85 -45.25
C ALA H 63 -3.93 2.29 -44.80
N PHE H 64 -5.07 2.82 -45.22
CA PHE H 64 -5.37 4.25 -45.19
C PHE H 64 -6.88 4.42 -44.98
N SER H 65 -7.26 5.09 -43.89
CA SER H 65 -8.65 5.27 -43.50
C SER H 65 -9.07 6.71 -43.82
N PRO H 66 -9.76 6.96 -44.96
CA PRO H 66 -10.10 8.33 -45.36
C PRO H 66 -11.15 8.96 -44.43
N ASN H 67 -11.16 10.29 -44.36
CA ASN H 67 -12.17 11.03 -43.61
C ASN H 67 -13.47 10.95 -44.39
N PRO H 68 -14.61 10.61 -43.74
CA PRO H 68 -15.90 10.53 -44.43
C PRO H 68 -16.30 11.79 -45.23
N ASP H 69 -15.66 12.94 -44.96
CA ASP H 69 -15.93 14.21 -45.62
C ASP H 69 -15.09 14.36 -46.89
N GLU H 70 -14.54 13.26 -47.43
CA GLU H 70 -13.71 13.31 -48.62
C GLU H 70 -14.55 12.82 -49.79
N SER H 71 -14.48 13.55 -50.92
CA SER H 71 -15.28 13.26 -52.11
C SER H 71 -14.71 12.03 -52.83
N VAL H 72 -15.58 11.10 -53.21
CA VAL H 72 -15.15 9.77 -53.68
C VAL H 72 -14.21 9.93 -54.89
N ILE H 73 -14.39 11.00 -55.68
CA ILE H 73 -13.55 11.25 -56.85
C ILE H 73 -12.11 11.53 -56.38
N ASP H 74 -11.93 12.46 -55.41
CA ASP H 74 -10.59 12.87 -54.98
C ASP H 74 -9.82 11.68 -54.40
N LEU H 75 -10.56 10.76 -53.78
CA LEU H 75 -9.98 9.51 -53.30
C LEU H 75 -9.50 8.69 -54.51
N TYR H 76 -10.40 8.48 -55.47
CA TYR H 76 -10.12 7.66 -56.63
C TYR H 76 -8.90 8.17 -57.39
N ASN H 77 -8.79 9.51 -57.50
CA ASN H 77 -7.68 10.14 -58.20
C ASN H 77 -6.36 9.74 -57.54
N ASN H 78 -6.35 9.65 -56.20
CA ASN H 78 -5.14 9.44 -55.43
C ASN H 78 -4.86 7.94 -55.26
N PHE H 79 -5.89 7.14 -54.94
CA PHE H 79 -5.70 5.72 -54.62
C PHE H 79 -6.58 4.79 -55.46
N GLY H 80 -7.01 5.26 -56.63
CA GLY H 80 -7.86 4.47 -57.53
C GLY H 80 -7.07 3.97 -58.75
N PHE H 81 -7.42 2.73 -59.16
CA PHE H 81 -7.01 2.11 -60.36
C PHE H 81 -7.84 2.67 -61.53
N ASP H 82 -7.52 2.20 -62.73
CA ASP H 82 -7.88 2.79 -64.01
C ASP H 82 -9.36 3.12 -64.16
N GLY H 83 -10.18 2.32 -63.51
CA GLY H 83 -11.67 2.53 -63.57
C GLY H 83 -12.28 2.24 -62.22
N LYS H 84 -11.49 1.96 -61.19
CA LYS H 84 -11.93 1.23 -60.00
C LYS H 84 -11.47 2.02 -58.77
N LEU H 85 -12.28 2.02 -57.71
CA LEU H 85 -11.81 2.30 -56.35
C LEU H 85 -12.12 1.10 -55.46
N VAL H 86 -11.08 0.50 -54.88
CA VAL H 86 -11.22 -0.68 -54.05
C VAL H 86 -11.17 -0.24 -52.58
N VAL H 87 -12.30 -0.41 -51.87
CA VAL H 87 -12.36 -0.11 -50.45
C VAL H 87 -12.47 -1.44 -49.68
N ASN H 88 -11.58 -1.61 -48.69
CA ASN H 88 -11.55 -2.81 -47.87
C ASN H 88 -12.29 -2.53 -46.56
N TYR H 89 -12.81 -3.60 -45.97
CA TYR H 89 -13.69 -3.48 -44.80
C TYR H 89 -13.51 -4.70 -43.89
N ALA H 90 -13.54 -4.45 -42.59
CA ALA H 90 -13.39 -5.42 -41.52
C ALA H 90 -14.05 -4.84 -40.26
N CYS H 91 -14.29 -5.70 -39.27
CA CYS H 91 -14.82 -5.27 -37.98
C CYS H 91 -13.77 -5.40 -36.86
N SER H 92 -12.89 -6.40 -37.00
CA SER H 92 -11.76 -6.53 -36.09
C SER H 92 -10.44 -6.48 -36.89
N MET H 93 -9.36 -6.28 -36.14
CA MET H 93 -7.98 -6.47 -36.56
C MET H 93 -7.16 -6.66 -35.28
N ALA H 94 -6.01 -7.33 -35.38
CA ALA H 94 -5.05 -7.46 -34.26
C ALA H 94 -4.52 -6.08 -33.82
N GLN I 12 6.43 14.19 -31.92
CA GLN I 12 7.88 13.87 -31.87
C GLN I 12 8.48 14.16 -30.49
N LYS I 13 7.92 15.15 -29.73
CA LYS I 13 8.37 15.45 -28.41
C LYS I 13 7.54 14.71 -27.34
N ILE I 14 8.24 14.23 -26.31
CA ILE I 14 7.69 13.55 -25.16
C ILE I 14 7.98 14.39 -23.92
N VAL I 15 7.06 14.41 -22.95
CA VAL I 15 7.27 15.08 -21.67
C VAL I 15 7.78 14.05 -20.64
N VAL I 16 8.91 14.35 -20.02
CA VAL I 16 9.58 13.46 -19.10
C VAL I 16 9.42 14.04 -17.70
N HIS I 17 8.77 13.30 -16.81
CA HIS I 17 8.75 13.64 -15.36
C HIS I 17 9.90 12.88 -14.68
N LEU I 18 10.69 13.60 -13.89
CA LEU I 18 11.82 13.02 -13.15
C LEU I 18 11.50 12.95 -11.66
N ARG I 19 11.14 11.77 -11.17
CA ARG I 19 10.69 11.61 -9.78
C ARG I 19 11.89 11.17 -8.91
N ALA I 20 12.17 11.99 -7.89
CA ALA I 20 13.14 11.71 -6.84
C ALA I 20 12.50 10.76 -5.82
N THR I 21 13.12 9.59 -5.61
CA THR I 21 12.58 8.62 -4.67
C THR I 21 13.57 8.40 -3.52
N GLY I 22 13.02 7.87 -2.43
CA GLY I 22 13.75 7.31 -1.30
C GLY I 22 14.84 8.21 -0.76
N GLY I 23 14.53 9.50 -0.60
CA GLY I 23 15.44 10.42 0.11
C GLY I 23 16.52 11.01 -0.78
N ALA I 24 16.52 10.66 -2.07
CA ALA I 24 17.34 11.34 -3.09
C ALA I 24 16.92 12.80 -3.21
N PRO I 25 17.84 13.74 -3.54
CA PRO I 25 17.51 15.17 -3.51
C PRO I 25 16.57 15.57 -4.64
N ILE I 26 15.70 16.57 -4.36
CA ILE I 26 14.62 16.95 -5.28
C ILE I 26 15.20 18.00 -6.23
N LEU I 27 14.74 18.00 -7.48
CA LEU I 27 15.07 19.05 -8.43
C LEU I 27 14.02 20.17 -8.39
N LYS I 28 14.47 21.41 -8.62
CA LYS I 28 13.59 22.58 -8.68
C LYS I 28 12.69 22.49 -9.91
N GLN I 29 13.18 21.84 -11.00
CA GLN I 29 12.41 21.67 -12.23
C GLN I 29 12.40 20.18 -12.66
N SER I 30 11.28 19.52 -12.38
CA SER I 30 11.19 18.07 -12.39
C SER I 30 10.70 17.54 -13.74
N LYS I 31 10.32 18.45 -14.66
CA LYS I 31 9.73 18.06 -15.94
C LYS I 31 10.37 18.87 -17.07
N PHE I 32 10.44 18.27 -18.26
CA PHE I 32 10.86 18.96 -19.47
C PHE I 32 10.26 18.20 -20.66
N LYS I 33 9.97 18.92 -21.75
CA LYS I 33 9.61 18.29 -23.02
C LYS I 33 10.89 18.07 -23.81
N VAL I 34 11.02 16.91 -24.47
CA VAL I 34 12.34 16.43 -24.94
C VAL I 34 12.11 15.55 -26.17
N SER I 35 12.99 15.74 -27.16
CA SER I 35 12.96 15.04 -28.44
C SER I 35 13.13 13.54 -28.21
N GLY I 36 12.28 12.74 -28.85
CA GLY I 36 12.23 11.31 -28.60
C GLY I 36 13.32 10.56 -29.35
N SER I 37 14.25 11.28 -30.02
CA SER I 37 15.19 10.52 -30.91
C SER I 37 16.50 10.24 -30.18
N ASP I 38 16.79 11.02 -29.15
CA ASP I 38 17.99 10.81 -28.31
C ASP I 38 17.88 9.47 -27.60
N LYS I 39 19.03 8.93 -27.21
CA LYS I 39 19.17 7.75 -26.41
C LYS I 39 18.94 8.12 -24.93
N PHE I 40 18.43 7.14 -24.17
CA PHE I 40 18.02 7.35 -22.79
C PHE I 40 19.22 7.83 -21.96
N ALA I 41 20.43 7.36 -22.30
CA ALA I 41 21.68 7.77 -21.66
C ALA I 41 21.69 9.30 -21.43
N ASN I 42 21.26 10.06 -22.45
CA ASN I 42 21.18 11.52 -22.37
C ASN I 42 20.46 11.96 -21.09
N VAL I 43 19.33 11.30 -20.78
CA VAL I 43 18.50 11.63 -19.63
C VAL I 43 19.27 11.29 -18.35
N ILE I 44 19.95 10.14 -18.35
CA ILE I 44 20.65 9.65 -17.16
C ILE I 44 21.83 10.58 -16.88
N ASP I 45 22.63 10.86 -17.92
CA ASP I 45 23.79 11.73 -17.79
C ASP I 45 23.37 13.09 -17.26
N PHE I 46 22.21 13.57 -17.71
CA PHE I 46 21.68 14.88 -17.33
C PHE I 46 21.37 14.91 -15.83
N LEU I 47 20.78 13.82 -15.31
CA LEU I 47 20.51 13.68 -13.87
C LEU I 47 21.83 13.80 -13.08
N ARG I 48 22.84 12.99 -13.50
CA ARG I 48 24.07 12.87 -12.73
C ARG I 48 24.78 14.23 -12.68
N ARG I 49 24.72 14.96 -13.79
CA ARG I 49 25.28 16.31 -13.90
C ARG I 49 24.69 17.21 -12.80
N GLN I 50 23.38 17.08 -12.56
CA GLN I 50 22.67 17.95 -11.62
C GLN I 50 22.81 17.46 -10.18
N LEU I 51 22.95 16.14 -9.97
CA LEU I 51 22.98 15.54 -8.64
C LEU I 51 24.41 15.51 -8.04
N HIS I 52 25.44 15.24 -8.88
CA HIS I 52 26.80 15.02 -8.43
C HIS I 52 26.86 13.92 -7.37
N SER I 53 26.15 12.81 -7.63
CA SER I 53 26.06 11.67 -6.75
C SER I 53 26.69 10.47 -7.45
N ASP I 54 27.58 9.75 -6.75
CA ASP I 54 28.23 8.55 -7.24
C ASP I 54 27.18 7.49 -7.64
N SER I 55 26.32 7.14 -6.68
CA SER I 55 25.25 6.17 -6.91
C SER I 55 24.06 6.86 -7.56
N LEU I 56 23.47 6.19 -8.54
CA LEU I 56 22.21 6.68 -9.15
C LEU I 56 21.49 5.55 -9.85
N PHE I 57 20.31 5.18 -9.33
CA PHE I 57 19.38 4.22 -9.93
C PHE I 57 18.31 4.99 -10.69
N VAL I 58 17.98 4.55 -11.92
CA VAL I 58 16.96 5.20 -12.75
C VAL I 58 16.03 4.14 -13.31
N TYR I 59 14.76 4.22 -12.91
CA TYR I 59 13.83 3.11 -13.18
C TYR I 59 12.41 3.66 -13.34
N VAL I 60 11.61 2.84 -14.02
CA VAL I 60 10.21 3.05 -14.36
C VAL I 60 9.50 1.78 -13.91
N ASN I 61 8.24 1.88 -13.49
CA ASN I 61 7.38 0.73 -13.25
C ASN I 61 7.22 -0.10 -14.54
N SER I 62 6.90 -1.37 -14.31
CA SER I 62 6.72 -2.38 -15.32
C SER I 62 5.93 -3.55 -14.71
N ALA I 63 5.16 -4.25 -15.55
CA ALA I 63 4.39 -5.42 -15.13
C ALA I 63 5.12 -6.68 -15.58
N PHE I 64 4.87 -7.78 -14.86
CA PHE I 64 5.66 -9.00 -14.97
C PHE I 64 4.75 -10.20 -14.72
N SER I 65 4.62 -11.08 -15.73
CA SER I 65 3.75 -12.24 -15.70
C SER I 65 4.60 -13.49 -15.46
N PRO I 66 4.67 -14.00 -14.21
CA PRO I 66 5.54 -15.14 -13.89
C PRO I 66 5.06 -16.45 -14.52
N ASN I 67 5.98 -17.38 -14.76
CA ASN I 67 5.65 -18.70 -15.29
C ASN I 67 4.96 -19.51 -14.19
N PRO I 68 3.79 -20.12 -14.47
CA PRO I 68 2.97 -20.72 -13.41
C PRO I 68 3.67 -21.79 -12.56
N ASP I 69 4.80 -22.31 -13.05
CA ASP I 69 5.55 -23.36 -12.35
C ASP I 69 6.62 -22.74 -11.44
N GLU I 70 6.46 -21.47 -11.07
CA GLU I 70 7.49 -20.77 -10.27
C GLU I 70 6.98 -20.64 -8.84
N SER I 71 7.83 -20.97 -7.87
CA SER I 71 7.45 -21.18 -6.48
C SER I 71 7.17 -19.84 -5.81
N VAL I 72 6.06 -19.79 -5.06
CA VAL I 72 5.53 -18.56 -4.48
C VAL I 72 6.59 -17.85 -3.63
N ILE I 73 7.53 -18.62 -3.04
CA ILE I 73 8.59 -18.03 -2.22
C ILE I 73 9.52 -17.21 -3.13
N ASP I 74 9.98 -17.79 -4.24
CA ASP I 74 10.96 -17.14 -5.13
C ASP I 74 10.36 -15.84 -5.69
N LEU I 75 9.05 -15.83 -5.89
CA LEU I 75 8.34 -14.62 -6.29
C LEU I 75 8.44 -13.60 -5.16
N TYR I 76 8.07 -14.02 -3.95
CA TYR I 76 8.03 -13.15 -2.78
C TYR I 76 9.40 -12.51 -2.53
N ASN I 77 10.46 -13.30 -2.72
CA ASN I 77 11.83 -12.84 -2.53
C ASN I 77 12.12 -11.67 -3.47
N ASN I 78 11.60 -11.74 -4.69
CA ASN I 78 11.90 -10.79 -5.76
C ASN I 78 10.93 -9.61 -5.71
N PHE I 79 9.63 -9.85 -5.51
CA PHE I 79 8.61 -8.80 -5.62
C PHE I 79 7.75 -8.71 -4.36
N GLY I 80 8.21 -9.25 -3.24
CA GLY I 80 7.43 -9.27 -1.97
C GLY I 80 8.04 -8.32 -0.96
N PHE I 81 7.25 -8.00 0.06
CA PHE I 81 7.66 -7.12 1.18
C PHE I 81 6.89 -7.57 2.42
N ASP I 82 7.54 -7.49 3.59
CA ASP I 82 6.86 -7.52 4.89
C ASP I 82 6.06 -8.82 5.10
N GLY I 83 6.40 -9.87 4.33
CA GLY I 83 5.71 -11.16 4.44
C GLY I 83 4.44 -11.23 3.60
N LYS I 84 4.34 -10.30 2.66
CA LYS I 84 3.18 -10.10 1.82
C LYS I 84 3.65 -10.04 0.36
N LEU I 85 2.84 -10.61 -0.53
CA LEU I 85 3.00 -10.51 -1.97
C LEU I 85 1.66 -10.03 -2.53
N VAL I 86 1.68 -8.92 -3.27
CA VAL I 86 0.49 -8.36 -3.89
C VAL I 86 0.49 -8.77 -5.37
N VAL I 87 -0.50 -9.58 -5.76
CA VAL I 87 -0.70 -9.94 -7.16
C VAL I 87 -1.94 -9.20 -7.69
N ASN I 88 -1.78 -8.54 -8.83
CA ASN I 88 -2.89 -7.88 -9.51
C ASN I 88 -3.43 -8.79 -10.61
N TYR I 89 -4.69 -8.55 -10.97
CA TYR I 89 -5.42 -9.36 -11.93
C TYR I 89 -6.42 -8.49 -12.69
N ALA I 90 -6.61 -8.79 -13.98
CA ALA I 90 -7.62 -8.17 -14.82
C ALA I 90 -8.08 -9.15 -15.90
N CYS I 91 -9.22 -8.86 -16.51
CA CYS I 91 -9.75 -9.63 -17.63
C CYS I 91 -9.68 -8.82 -18.92
N SER I 92 -9.83 -7.49 -18.81
CA SER I 92 -9.67 -6.60 -19.96
C SER I 92 -8.53 -5.61 -19.70
N MET I 93 -8.10 -4.98 -20.79
CA MET I 93 -6.89 -4.15 -20.83
C MET I 93 -7.07 -3.16 -21.98
N ALA I 94 -6.47 -1.97 -21.83
CA ALA I 94 -6.37 -0.99 -22.89
C ALA I 94 -5.45 -1.47 -24.03
N TRP I 95 -4.37 -2.18 -23.69
CA TRP I 95 -3.38 -2.69 -24.63
C TRP I 95 -4.06 -3.64 -25.62
N GLN J 12 7.26 -21.72 6.61
CA GLN J 12 6.62 -20.38 6.80
C GLN J 12 5.64 -20.13 5.66
N LYS J 13 4.48 -19.56 6.01
CA LYS J 13 3.39 -19.24 5.10
C LYS J 13 3.46 -17.76 4.73
N ILE J 14 3.09 -17.45 3.49
CA ILE J 14 2.95 -16.10 2.98
C ILE J 14 1.47 -15.83 2.70
N VAL J 15 1.03 -14.61 2.99
CA VAL J 15 -0.31 -14.14 2.66
C VAL J 15 -0.20 -13.35 1.35
N VAL J 16 -1.03 -13.74 0.37
CA VAL J 16 -1.07 -13.10 -0.92
C VAL J 16 -2.33 -12.25 -1.02
N HIS J 17 -2.15 -10.93 -1.21
CA HIS J 17 -3.23 -9.99 -1.43
C HIS J 17 -3.48 -9.85 -2.94
N LEU J 18 -4.74 -9.97 -3.35
CA LEU J 18 -5.15 -9.98 -4.75
C LEU J 18 -5.88 -8.68 -5.07
N ARG J 19 -5.18 -7.77 -5.76
CA ARG J 19 -5.73 -6.45 -6.12
C ARG J 19 -6.31 -6.52 -7.54
N ALA J 20 -7.62 -6.25 -7.66
CA ALA J 20 -8.32 -6.22 -8.94
C ALA J 20 -8.04 -4.89 -9.65
N THR J 21 -7.52 -4.96 -10.88
CA THR J 21 -7.19 -3.78 -11.68
C THR J 21 -8.05 -3.79 -12.96
N GLY J 22 -8.03 -2.64 -13.65
CA GLY J 22 -8.41 -2.54 -15.06
C GLY J 22 -9.80 -3.09 -15.35
N GLY J 23 -10.75 -2.77 -14.48
CA GLY J 23 -12.17 -3.05 -14.71
C GLY J 23 -12.58 -4.47 -14.32
N ALA J 24 -11.64 -5.24 -13.75
CA ALA J 24 -11.91 -6.61 -13.33
C ALA J 24 -12.97 -6.62 -12.23
N PRO J 25 -13.75 -7.71 -12.08
CA PRO J 25 -14.67 -7.87 -10.96
C PRO J 25 -13.93 -8.01 -9.61
N ILE J 26 -14.62 -7.57 -8.55
CA ILE J 26 -14.15 -7.57 -7.19
C ILE J 26 -14.33 -8.96 -6.57
N LEU J 27 -13.38 -9.36 -5.73
CA LEU J 27 -13.42 -10.68 -5.04
C LEU J 27 -14.06 -10.50 -3.66
N LYS J 28 -14.81 -11.51 -3.22
CA LYS J 28 -15.40 -11.51 -1.87
C LYS J 28 -14.28 -11.68 -0.84
N GLN J 29 -13.23 -12.42 -1.22
CA GLN J 29 -12.10 -12.75 -0.32
C GLN J 29 -10.80 -12.51 -1.09
N SER J 30 -10.15 -11.40 -0.76
CA SER J 30 -9.07 -10.84 -1.58
C SER J 30 -7.70 -11.30 -1.08
N LYS J 31 -7.65 -12.11 -0.03
CA LYS J 31 -6.40 -12.67 0.51
C LYS J 31 -6.54 -14.18 0.71
N PHE J 32 -5.42 -14.89 0.58
CA PHE J 32 -5.31 -16.26 1.03
C PHE J 32 -3.86 -16.54 1.44
N LYS J 33 -3.72 -17.42 2.44
CA LYS J 33 -2.42 -17.83 2.95
C LYS J 33 -1.96 -19.04 2.13
N VAL J 34 -0.66 -19.08 1.80
CA VAL J 34 -0.12 -20.13 0.95
C VAL J 34 1.29 -20.47 1.42
N SER J 35 1.63 -21.76 1.38
CA SER J 35 2.99 -22.27 1.50
C SER J 35 3.86 -21.68 0.39
N GLY J 36 5.05 -21.20 0.75
CA GLY J 36 5.97 -20.58 -0.21
C GLY J 36 6.65 -21.57 -1.14
N SER J 37 6.33 -22.85 -0.99
CA SER J 37 6.81 -23.91 -1.86
C SER J 37 5.79 -24.20 -2.97
N ASP J 38 4.52 -23.78 -2.78
CA ASP J 38 3.49 -23.93 -3.80
C ASP J 38 3.91 -23.23 -5.11
N LYS J 39 3.34 -23.72 -6.20
CA LYS J 39 3.57 -23.19 -7.53
C LYS J 39 2.57 -22.04 -7.71
N PHE J 40 2.94 -21.06 -8.54
CA PHE J 40 2.11 -19.90 -8.79
C PHE J 40 0.74 -20.33 -9.35
N ALA J 41 0.73 -21.42 -10.13
CA ALA J 41 -0.49 -22.01 -10.69
C ALA J 41 -1.61 -22.04 -9.64
N ASN J 42 -1.27 -22.43 -8.40
CA ASN J 42 -2.22 -22.49 -7.28
C ASN J 42 -2.99 -21.18 -7.18
N VAL J 43 -2.26 -20.06 -7.27
CA VAL J 43 -2.84 -18.73 -7.12
C VAL J 43 -3.77 -18.45 -8.30
N ILE J 44 -3.34 -18.83 -9.52
CA ILE J 44 -4.08 -18.54 -10.73
C ILE J 44 -5.37 -19.35 -10.72
N ASP J 45 -5.24 -20.66 -10.44
CA ASP J 45 -6.39 -21.56 -10.41
C ASP J 45 -7.43 -21.03 -9.40
N PHE J 46 -6.93 -20.52 -8.27
CA PHE J 46 -7.78 -20.03 -7.19
C PHE J 46 -8.62 -18.83 -7.68
N LEU J 47 -7.98 -17.91 -8.43
CA LEU J 47 -8.67 -16.77 -9.03
C LEU J 47 -9.81 -17.26 -9.93
N ARG J 48 -9.47 -18.17 -10.85
CA ARG J 48 -10.40 -18.59 -11.90
C ARG J 48 -11.62 -19.25 -11.26
N ARG J 49 -11.39 -20.02 -10.18
CA ARG J 49 -12.45 -20.67 -9.41
C ARG J 49 -13.45 -19.62 -8.93
N GLN J 50 -12.95 -18.46 -8.47
CA GLN J 50 -13.79 -17.43 -7.87
C GLN J 50 -14.44 -16.53 -8.95
N LEU J 51 -13.74 -16.33 -10.07
CA LEU J 51 -14.11 -15.30 -11.07
C LEU J 51 -14.97 -15.89 -12.17
N HIS J 52 -14.63 -17.08 -12.68
CA HIS J 52 -15.28 -17.69 -13.86
C HIS J 52 -15.19 -16.73 -15.05
N SER J 53 -13.99 -16.17 -15.26
CA SER J 53 -13.64 -15.47 -16.51
C SER J 53 -12.63 -16.30 -17.30
N ASP J 54 -12.91 -16.53 -18.60
CA ASP J 54 -12.05 -17.25 -19.51
C ASP J 54 -10.67 -16.58 -19.57
N SER J 55 -10.65 -15.29 -19.91
CA SER J 55 -9.43 -14.51 -20.02
C SER J 55 -9.01 -14.02 -18.63
N LEU J 56 -7.71 -14.10 -18.33
CA LEU J 56 -7.19 -13.60 -17.07
C LEU J 56 -5.68 -13.34 -17.18
N PHE J 57 -5.29 -12.10 -16.95
CA PHE J 57 -3.91 -11.64 -16.84
C PHE J 57 -3.54 -11.55 -15.35
N VAL J 58 -2.34 -12.01 -14.98
CA VAL J 58 -1.87 -12.02 -13.60
C VAL J 58 -0.44 -11.49 -13.58
N TYR J 59 -0.22 -10.41 -12.82
CA TYR J 59 1.08 -9.81 -12.73
C TYR J 59 1.28 -9.21 -11.33
N VAL J 60 2.56 -8.95 -11.03
CA VAL J 60 3.00 -8.16 -9.90
C VAL J 60 3.81 -7.00 -10.47
N ASN J 61 3.71 -5.82 -9.82
CA ASN J 61 4.36 -4.64 -10.36
C ASN J 61 5.77 -4.50 -9.75
N SER J 62 6.66 -3.96 -10.60
CA SER J 62 8.08 -4.15 -10.54
C SER J 62 8.80 -2.90 -11.05
N ALA J 63 10.07 -2.75 -10.65
CA ALA J 63 10.90 -1.64 -11.12
C ALA J 63 11.83 -2.13 -12.24
N PHE J 64 12.16 -1.20 -13.14
CA PHE J 64 12.70 -1.53 -14.47
C PHE J 64 13.68 -0.44 -14.86
N SER J 65 14.95 -0.84 -15.04
CA SER J 65 16.04 0.08 -15.35
C SER J 65 16.40 -0.06 -16.82
N PRO J 66 15.92 0.84 -17.70
CA PRO J 66 16.14 0.70 -19.15
C PRO J 66 17.62 0.92 -19.53
N ASN J 67 18.02 0.32 -20.66
CA ASN J 67 19.40 0.40 -21.12
C ASN J 67 19.64 1.80 -21.68
N PRO J 68 20.74 2.48 -21.28
CA PRO J 68 20.99 3.86 -21.67
C PRO J 68 20.98 4.12 -23.20
N ASP J 69 21.12 3.05 -24.01
CA ASP J 69 21.11 3.20 -25.47
C ASP J 69 19.70 3.08 -26.05
N GLU J 70 18.67 3.31 -25.23
CA GLU J 70 17.28 3.16 -25.68
C GLU J 70 16.69 4.55 -25.89
N SER J 71 15.99 4.69 -27.01
CA SER J 71 15.48 6.01 -27.46
C SER J 71 14.24 6.35 -26.63
N VAL J 72 14.17 7.60 -26.18
CA VAL J 72 13.14 8.08 -25.24
C VAL J 72 11.73 7.77 -25.78
N ILE J 73 11.57 7.76 -27.11
CA ILE J 73 10.26 7.46 -27.72
C ILE J 73 9.89 6.00 -27.42
N ASP J 74 10.82 5.06 -27.68
CA ASP J 74 10.53 3.62 -27.54
C ASP J 74 10.17 3.29 -26.08
N LEU J 75 10.77 4.04 -25.15
CA LEU J 75 10.42 3.94 -23.74
C LEU J 75 8.98 4.41 -23.55
N TYR J 76 8.67 5.61 -24.06
CA TYR J 76 7.36 6.22 -23.88
C TYR J 76 6.27 5.31 -24.44
N ASN J 77 6.54 4.67 -25.58
CA ASN J 77 5.60 3.77 -26.22
C ASN J 77 5.25 2.61 -25.27
N ASN J 78 6.24 2.14 -24.51
CA ASN J 78 6.12 0.95 -23.68
C ASN J 78 5.61 1.33 -22.28
N PHE J 79 6.14 2.41 -21.69
CA PHE J 79 5.84 2.76 -20.29
C PHE J 79 5.34 4.20 -20.14
N GLY J 80 4.86 4.81 -21.23
CA GLY J 80 4.36 6.19 -21.21
C GLY J 80 2.86 6.25 -21.35
N PHE J 81 2.28 7.40 -20.98
CA PHE J 81 0.87 7.68 -21.21
C PHE J 81 0.68 9.19 -21.38
N ASP J 82 -0.32 9.60 -22.16
CA ASP J 82 -0.82 10.97 -22.20
C ASP J 82 0.27 11.95 -22.67
N GLY J 83 1.33 11.44 -23.31
CA GLY J 83 2.43 12.30 -23.78
C GLY J 83 3.46 12.57 -22.69
N LYS J 84 3.40 11.75 -21.64
CA LYS J 84 4.21 11.89 -20.45
C LYS J 84 4.87 10.53 -20.16
N LEU J 85 6.12 10.61 -19.72
CA LEU J 85 6.91 9.47 -19.27
C LEU J 85 7.44 9.82 -17.89
N VAL J 86 7.17 8.97 -16.89
CA VAL J 86 7.60 9.20 -15.53
C VAL J 86 8.83 8.32 -15.26
N VAL J 87 10.00 8.94 -15.08
CA VAL J 87 11.20 8.22 -14.70
C VAL J 87 11.52 8.57 -13.24
N ASN J 88 11.74 7.53 -12.42
CA ASN J 88 12.15 7.71 -11.04
C ASN J 88 13.67 7.54 -10.96
N TYR J 89 14.25 8.12 -9.91
CA TYR J 89 15.67 8.03 -9.64
C TYR J 89 15.91 8.02 -8.13
N ALA J 90 16.92 7.25 -7.71
CA ALA J 90 17.46 7.25 -6.36
C ALA J 90 18.97 7.00 -6.41
N CYS J 91 19.62 7.15 -5.26
CA CYS J 91 21.02 6.80 -5.06
C CYS J 91 21.17 5.55 -4.18
N SER J 92 20.20 5.34 -3.28
CA SER J 92 20.19 4.23 -2.36
C SER J 92 18.94 3.37 -2.57
N MET J 93 18.95 2.21 -1.92
CA MET J 93 17.84 1.28 -1.88
C MET J 93 17.87 0.58 -0.50
N ALA J 94 16.69 0.26 0.03
CA ALA J 94 16.53 0.14 1.47
C ALA J 94 17.02 -1.21 1.99
N TRP J 95 16.81 -2.29 1.24
CA TRP J 95 16.80 -3.66 1.79
C TRP J 95 15.79 -3.73 2.94
N GLN K 12 -20.94 11.68 -14.36
CA GLN K 12 -21.49 11.97 -15.72
C GLN K 12 -20.37 12.17 -16.74
N LYS K 13 -19.22 12.75 -16.35
CA LYS K 13 -18.16 13.10 -17.28
C LYS K 13 -17.08 12.03 -17.27
N ILE K 14 -16.58 11.71 -18.47
CA ILE K 14 -15.59 10.67 -18.71
C ILE K 14 -14.32 11.34 -19.23
N VAL K 15 -13.16 10.82 -18.80
CA VAL K 15 -11.87 11.25 -19.35
C VAL K 15 -11.47 10.22 -20.41
N VAL K 16 -11.16 10.71 -21.61
CA VAL K 16 -10.76 9.88 -22.73
C VAL K 16 -9.25 10.04 -22.95
N HIS K 17 -8.52 8.94 -22.81
CA HIS K 17 -7.10 8.87 -23.07
C HIS K 17 -6.88 8.45 -24.53
N LEU K 18 -6.04 9.21 -25.25
CA LEU K 18 -5.84 9.02 -26.68
C LEU K 18 -4.44 8.43 -26.92
N ARG K 19 -4.39 7.13 -27.21
CA ARG K 19 -3.15 6.40 -27.42
C ARG K 19 -2.83 6.36 -28.91
N ALA K 20 -1.64 6.90 -29.26
CA ALA K 20 -1.11 6.85 -30.63
C ALA K 20 -0.49 5.48 -30.89
N THR K 21 -0.98 4.76 -31.90
CA THR K 21 -0.51 3.43 -32.25
C THR K 21 0.04 3.45 -33.67
N GLY K 22 0.79 2.39 -34.02
CA GLY K 22 1.23 2.11 -35.39
C GLY K 22 1.96 3.28 -36.04
N GLY K 23 2.82 3.95 -35.28
CA GLY K 23 3.72 4.97 -35.80
C GLY K 23 3.09 6.35 -35.90
N ALA K 24 1.83 6.48 -35.45
CA ALA K 24 1.10 7.74 -35.56
C ALA K 24 1.78 8.81 -34.71
N PRO K 25 1.66 10.11 -35.07
CA PRO K 25 2.23 11.19 -34.28
C PRO K 25 1.55 11.35 -32.91
N ILE K 26 2.32 11.85 -31.95
CA ILE K 26 1.90 12.10 -30.58
C ILE K 26 1.16 13.44 -30.51
N LEU K 27 0.15 13.50 -29.65
CA LEU K 27 -0.69 14.67 -29.49
C LEU K 27 -0.16 15.56 -28.35
N LYS K 28 -0.33 16.88 -28.51
CA LYS K 28 0.08 17.84 -27.48
C LYS K 28 -0.79 17.69 -26.24
N GLN K 29 -2.06 17.30 -26.42
CA GLN K 29 -2.96 17.00 -25.29
C GLN K 29 -3.65 15.66 -25.53
N SER K 30 -3.18 14.62 -24.85
CA SER K 30 -3.54 13.24 -25.12
C SER K 30 -4.70 12.78 -24.23
N LYS K 31 -5.24 13.67 -23.39
CA LYS K 31 -6.50 13.42 -22.67
C LYS K 31 -7.42 14.64 -22.84
N PHE K 32 -8.74 14.38 -22.82
CA PHE K 32 -9.71 15.42 -22.55
C PHE K 32 -10.90 14.82 -21.81
N LYS K 33 -11.57 15.66 -21.02
CA LYS K 33 -12.78 15.28 -20.31
C LYS K 33 -13.97 15.62 -21.22
N VAL K 34 -14.96 14.72 -21.26
CA VAL K 34 -16.07 14.82 -22.21
C VAL K 34 -17.36 14.31 -21.53
N SER K 35 -18.47 14.99 -21.83
CA SER K 35 -19.69 14.94 -21.05
C SER K 35 -20.27 13.54 -20.89
N GLY K 36 -19.87 12.59 -21.73
CA GLY K 36 -20.25 11.19 -21.56
C GLY K 36 -21.65 10.91 -22.07
N SER K 37 -22.44 11.94 -22.35
CA SER K 37 -23.67 11.80 -23.15
C SER K 37 -23.38 12.09 -24.64
N ASP K 38 -22.26 12.76 -24.92
CA ASP K 38 -21.85 13.13 -26.26
C ASP K 38 -21.68 11.87 -27.12
N LYS K 39 -21.79 12.05 -28.43
CA LYS K 39 -21.59 11.06 -29.43
C LYS K 39 -20.08 10.94 -29.71
N PHE K 40 -19.66 9.75 -30.16
CA PHE K 40 -18.27 9.41 -30.37
C PHE K 40 -17.62 10.38 -31.35
N ALA K 41 -18.39 10.86 -32.34
CA ALA K 41 -17.95 11.88 -33.31
C ALA K 41 -17.12 12.97 -32.62
N ASN K 42 -17.60 13.43 -31.47
CA ASN K 42 -16.94 14.48 -30.68
C ASN K 42 -15.46 14.11 -30.47
N VAL K 43 -15.20 12.84 -30.12
CA VAL K 43 -13.84 12.37 -29.85
C VAL K 43 -13.03 12.39 -31.14
N ILE K 44 -13.66 11.96 -32.24
CA ILE K 44 -12.99 11.83 -33.54
C ILE K 44 -12.63 13.24 -34.03
N ASP K 45 -13.62 14.14 -34.01
CA ASP K 45 -13.45 15.52 -34.46
C ASP K 45 -12.30 16.17 -33.68
N PHE K 46 -12.22 15.86 -32.37
CA PHE K 46 -11.21 16.43 -31.50
C PHE K 46 -9.80 15.98 -31.94
N LEU K 47 -9.66 14.69 -32.28
CA LEU K 47 -8.40 14.14 -32.84
C LEU K 47 -8.01 14.92 -34.10
N ARG K 48 -8.95 15.04 -35.04
CA ARG K 48 -8.67 15.60 -36.37
C ARG K 48 -8.21 17.05 -36.22
N ARG K 49 -8.83 17.78 -35.28
CA ARG K 49 -8.45 19.15 -34.96
C ARG K 49 -6.97 19.21 -34.60
N GLN K 50 -6.48 18.24 -33.83
CA GLN K 50 -5.09 18.23 -33.35
C GLN K 50 -4.12 17.67 -34.42
N LEU K 51 -4.58 16.72 -35.23
CA LEU K 51 -3.70 15.92 -36.12
C LEU K 51 -3.60 16.55 -37.51
N HIS K 52 -4.72 16.95 -38.09
CA HIS K 52 -4.81 17.41 -39.48
C HIS K 52 -4.29 16.31 -40.43
N SER K 53 -4.71 15.06 -40.19
CA SER K 53 -4.31 13.94 -41.06
C SER K 53 -5.53 13.39 -41.80
N ASP K 54 -5.41 13.25 -43.13
CA ASP K 54 -6.46 12.70 -43.98
C ASP K 54 -6.83 11.28 -43.51
N SER K 55 -5.83 10.41 -43.47
CA SER K 55 -6.00 9.02 -43.03
C SER K 55 -5.97 8.95 -41.51
N LEU K 56 -6.88 8.16 -40.95
CA LEU K 56 -7.05 8.15 -39.47
C LEU K 56 -7.94 6.98 -39.08
N PHE K 57 -7.36 6.02 -38.35
CA PHE K 57 -8.07 4.88 -37.77
C PHE K 57 -8.33 5.19 -36.29
N VAL K 58 -9.56 4.96 -35.81
CA VAL K 58 -9.95 5.32 -34.44
C VAL K 58 -10.76 4.17 -33.86
N TYR K 59 -10.22 3.55 -32.80
CA TYR K 59 -10.80 2.34 -32.26
C TYR K 59 -10.54 2.25 -30.76
N VAL K 60 -11.33 1.39 -30.11
CA VAL K 60 -11.08 0.98 -28.73
C VAL K 60 -10.91 -0.55 -28.74
N ASN K 61 -9.94 -1.03 -27.96
CA ASN K 61 -9.49 -2.41 -27.99
C ASN K 61 -10.08 -3.18 -26.82
N SER K 62 -10.10 -4.52 -26.91
CA SER K 62 -10.09 -5.34 -25.66
C SER K 62 -9.31 -6.63 -25.84
N ALA K 63 -8.49 -6.96 -24.85
CA ALA K 63 -7.54 -8.08 -24.92
C ALA K 63 -8.13 -9.25 -24.12
N PHE K 64 -7.66 -10.46 -24.42
CA PHE K 64 -8.09 -11.66 -23.73
C PHE K 64 -6.90 -12.62 -23.61
N SER K 65 -6.55 -12.97 -22.36
CA SER K 65 -5.47 -13.90 -22.03
C SER K 65 -6.05 -15.28 -21.70
N PRO K 66 -6.08 -16.23 -22.65
CA PRO K 66 -6.85 -17.46 -22.51
C PRO K 66 -6.25 -18.40 -21.45
N ASN K 67 -7.10 -19.25 -20.87
CA ASN K 67 -6.66 -20.31 -19.95
C ASN K 67 -5.96 -21.38 -20.78
N PRO K 68 -4.74 -21.82 -20.39
CA PRO K 68 -3.96 -22.76 -21.19
C PRO K 68 -4.68 -24.08 -21.55
N ASP K 69 -5.77 -24.41 -20.83
CA ASP K 69 -6.53 -25.63 -21.08
C ASP K 69 -7.67 -25.38 -22.07
N GLU K 70 -7.56 -24.33 -22.89
CA GLU K 70 -8.58 -24.02 -23.89
C GLU K 70 -8.07 -24.49 -25.25
N SER K 71 -8.95 -25.16 -26.02
CA SER K 71 -8.60 -25.70 -27.31
C SER K 71 -8.47 -24.57 -28.35
N VAL K 72 -7.38 -24.59 -29.14
CA VAL K 72 -6.99 -23.41 -29.92
C VAL K 72 -8.13 -23.01 -30.87
N ILE K 73 -8.94 -23.99 -31.31
CA ILE K 73 -10.04 -23.72 -32.24
C ILE K 73 -11.09 -22.87 -31.53
N ASP K 74 -11.50 -23.29 -30.29
CA ASP K 74 -12.60 -22.62 -29.60
C ASP K 74 -12.23 -21.16 -29.32
N LEU K 75 -10.94 -20.92 -29.09
CA LEU K 75 -10.44 -19.57 -28.93
C LEU K 75 -10.61 -18.81 -30.25
N TYR K 76 -10.09 -19.41 -31.31
CA TYR K 76 -10.00 -18.77 -32.63
C TYR K 76 -11.38 -18.35 -33.10
N ASN K 77 -12.37 -19.25 -32.86
CA ASN K 77 -13.72 -18.99 -33.36
C ASN K 77 -14.27 -17.73 -32.68
N ASN K 78 -13.92 -17.56 -31.38
CA ASN K 78 -14.50 -16.49 -30.58
C ASN K 78 -13.68 -15.19 -30.71
N PHE K 79 -12.34 -15.29 -30.67
CA PHE K 79 -11.49 -14.10 -30.61
C PHE K 79 -10.42 -14.09 -31.71
N GLY K 80 -10.63 -14.86 -32.79
CA GLY K 80 -9.59 -15.01 -33.82
C GLY K 80 -9.93 -14.35 -35.11
N PHE K 81 -9.38 -14.89 -36.21
CA PHE K 81 -9.63 -14.38 -37.56
C PHE K 81 -9.62 -15.59 -38.52
N ASP K 82 -10.42 -15.51 -39.58
CA ASP K 82 -10.99 -16.74 -40.16
C ASP K 82 -9.91 -17.63 -40.78
N GLY K 83 -8.71 -17.09 -41.06
CA GLY K 83 -7.73 -17.92 -41.77
C GLY K 83 -6.73 -18.46 -40.75
N LYS K 84 -6.24 -17.48 -39.99
CA LYS K 84 -5.02 -17.55 -39.22
C LYS K 84 -5.34 -16.99 -37.84
N LEU K 85 -4.61 -17.45 -36.81
CA LEU K 85 -4.76 -16.89 -35.47
C LEU K 85 -3.46 -16.25 -35.00
N VAL K 86 -3.53 -14.94 -34.73
CA VAL K 86 -2.39 -14.15 -34.32
C VAL K 86 -2.43 -13.99 -32.80
N VAL K 87 -1.46 -14.59 -32.11
CA VAL K 87 -1.33 -14.45 -30.66
C VAL K 87 -0.12 -13.58 -30.37
N ASN K 88 -0.32 -12.54 -29.55
CA ASN K 88 0.72 -11.60 -29.20
C ASN K 88 1.30 -11.99 -27.83
N TYR K 89 2.53 -11.51 -27.56
CA TYR K 89 3.21 -11.74 -26.32
C TYR K 89 4.06 -10.50 -25.96
N ALA K 90 4.14 -10.23 -24.65
CA ALA K 90 5.16 -9.31 -24.11
C ALA K 90 5.66 -9.83 -22.76
N CYS K 91 6.82 -9.31 -22.36
CA CYS K 91 7.47 -9.70 -21.08
C CYS K 91 7.40 -8.56 -20.07
N SER K 92 7.47 -7.31 -20.56
CA SER K 92 7.18 -6.15 -19.71
C SER K 92 6.00 -5.37 -20.30
N MET K 93 5.46 -4.49 -19.47
CA MET K 93 4.29 -3.68 -19.76
C MET K 93 4.33 -2.45 -18.85
N ALA K 94 3.60 -1.40 -19.23
CA ALA K 94 3.31 -0.26 -18.37
C ALA K 94 2.33 -0.69 -17.26
N GLN L 12 -10.05 -28.76 -38.92
CA GLN L 12 -9.32 -27.64 -39.58
C GLN L 12 -8.07 -27.30 -38.77
N LYS L 13 -6.98 -27.02 -39.48
CA LYS L 13 -5.68 -26.65 -38.88
C LYS L 13 -5.55 -25.13 -38.98
N ILE L 14 -4.97 -24.53 -37.94
CA ILE L 14 -4.82 -23.07 -37.82
C ILE L 14 -3.34 -22.72 -37.91
N VAL L 15 -3.04 -21.62 -38.61
CA VAL L 15 -1.68 -21.05 -38.67
C VAL L 15 -1.60 -19.94 -37.62
N VAL L 16 -0.61 -20.04 -36.73
CA VAL L 16 -0.56 -19.16 -35.56
C VAL L 16 0.65 -18.22 -35.75
N HIS L 17 0.37 -16.92 -35.87
CA HIS L 17 1.37 -15.87 -35.93
C HIS L 17 1.65 -15.36 -34.53
N LEU L 18 2.93 -15.24 -34.18
CA LEU L 18 3.36 -14.80 -32.85
C LEU L 18 3.92 -13.37 -32.90
N ARG L 19 3.10 -12.42 -32.44
CA ARG L 19 3.41 -11.00 -32.50
C ARG L 19 4.07 -10.58 -31.17
N ALA L 20 5.28 -10.02 -31.28
CA ALA L 20 6.01 -9.42 -30.17
C ALA L 20 5.45 -8.02 -29.89
N THR L 21 5.01 -7.80 -28.64
CA THR L 21 4.50 -6.50 -28.21
C THR L 21 5.39 -5.94 -27.10
N GLY L 22 5.25 -4.63 -26.88
CA GLY L 22 5.84 -3.92 -25.74
C GLY L 22 7.34 -4.16 -25.58
N GLY L 23 8.06 -4.14 -26.71
CA GLY L 23 9.52 -4.18 -26.72
C GLY L 23 10.11 -5.57 -26.58
N ALA L 24 9.25 -6.60 -26.61
CA ALA L 24 9.67 -7.98 -26.38
C ALA L 24 10.66 -8.42 -27.48
N PRO L 25 11.59 -9.35 -27.19
CA PRO L 25 12.54 -9.82 -28.19
C PRO L 25 11.88 -10.65 -29.31
N ILE L 26 12.49 -10.57 -30.50
CA ILE L 26 11.86 -10.94 -31.76
C ILE L 26 12.07 -12.44 -32.00
N LEU L 27 11.04 -13.09 -32.55
CA LEU L 27 10.93 -14.54 -32.61
C LEU L 27 11.38 -15.02 -33.99
N LYS L 28 11.93 -16.26 -34.02
CA LYS L 28 12.24 -17.00 -35.24
C LYS L 28 11.07 -18.00 -35.46
N GLN L 29 9.89 -17.43 -35.54
CA GLN L 29 8.62 -18.02 -35.97
C GLN L 29 7.57 -17.22 -35.24
N LYS L 33 2.03 -23.36 -36.96
CA LYS L 33 0.88 -24.10 -37.44
C LYS L 33 0.48 -25.13 -36.37
N VAL L 34 -0.82 -25.26 -36.11
CA VAL L 34 -1.29 -26.04 -34.98
C VAL L 34 -2.61 -26.72 -35.37
N SER L 35 -2.74 -27.99 -34.94
CA SER L 35 -4.05 -28.68 -34.85
C SER L 35 -4.92 -27.90 -33.87
N GLY L 36 -6.18 -27.65 -34.24
CA GLY L 36 -7.13 -26.94 -33.40
C GLY L 36 -7.66 -27.78 -32.24
N SER L 37 -7.18 -29.03 -32.13
CA SER L 37 -7.50 -29.89 -31.01
C SER L 37 -6.42 -29.77 -29.92
N ASP L 38 -5.23 -29.28 -30.28
CA ASP L 38 -4.16 -29.04 -29.31
C ASP L 38 -4.63 -28.02 -28.26
N LYS L 39 -4.02 -28.09 -27.07
CA LYS L 39 -4.29 -27.14 -26.01
C LYS L 39 -3.37 -25.92 -26.26
N PHE L 40 -3.83 -24.76 -25.80
CA PHE L 40 -3.12 -23.50 -26.05
C PHE L 40 -1.73 -23.57 -25.40
N ALA L 41 -1.62 -24.28 -24.27
CA ALA L 41 -0.37 -24.54 -23.55
C ALA L 41 0.76 -24.86 -24.55
N ASN L 42 0.47 -25.69 -25.55
CA ASN L 42 1.43 -26.06 -26.58
C ASN L 42 2.10 -24.80 -27.17
N VAL L 43 1.28 -23.79 -27.47
CA VAL L 43 1.76 -22.56 -28.09
C VAL L 43 2.63 -21.80 -27.09
N ILE L 44 2.19 -21.76 -25.82
CA ILE L 44 2.86 -20.99 -24.77
C ILE L 44 4.24 -21.64 -24.51
N ASP L 45 4.23 -22.96 -24.31
CA ASP L 45 5.46 -23.71 -24.04
C ASP L 45 6.47 -23.47 -25.17
N PHE L 46 5.95 -23.43 -26.42
CA PHE L 46 6.78 -23.25 -27.60
C PHE L 46 7.49 -21.88 -27.55
N LEU L 47 6.76 -20.84 -27.16
CA LEU L 47 7.31 -19.48 -26.98
C LEU L 47 8.46 -19.53 -25.96
N ARG L 48 8.18 -20.11 -24.79
CA ARG L 48 9.11 -20.08 -23.65
C ARG L 48 10.41 -20.79 -24.04
N ARG L 49 10.29 -21.89 -24.80
CA ARG L 49 11.43 -22.64 -25.33
C ARG L 49 12.34 -21.71 -26.13
N GLN L 50 11.74 -20.81 -26.93
CA GLN L 50 12.49 -19.93 -27.83
C GLN L 50 13.01 -18.68 -27.08
N LEU L 51 12.27 -18.21 -26.08
CA LEU L 51 12.52 -16.91 -25.43
C LEU L 51 13.46 -17.06 -24.20
N HIS L 52 13.21 -18.06 -23.36
CA HIS L 52 13.90 -18.22 -22.06
C HIS L 52 13.72 -16.95 -21.21
N SER L 53 12.47 -16.44 -21.16
CA SER L 53 12.12 -15.30 -20.32
C SER L 53 11.17 -15.74 -19.20
N ASP L 54 11.48 -15.37 -17.95
CA ASP L 54 10.67 -15.68 -16.79
C ASP L 54 9.23 -15.15 -16.97
N SER L 55 9.13 -13.83 -17.21
CA SER L 55 7.84 -13.20 -17.44
C SER L 55 7.44 -13.36 -18.92
N LEU L 56 6.17 -13.69 -19.17
CA LEU L 56 5.56 -13.44 -20.45
C LEU L 56 4.01 -13.50 -20.29
N PHE L 57 3.41 -12.50 -20.93
CA PHE L 57 1.97 -12.29 -21.11
C PHE L 57 1.58 -12.80 -22.50
N VAL L 58 0.44 -13.50 -22.59
CA VAL L 58 -0.05 -14.08 -23.85
C VAL L 58 -1.54 -13.77 -23.96
N TYR L 59 -1.91 -13.07 -25.04
CA TYR L 59 -3.28 -12.66 -25.23
C TYR L 59 -3.62 -12.62 -26.73
N VAL L 60 -4.93 -12.64 -27.00
CA VAL L 60 -5.47 -12.56 -28.35
C VAL L 60 -6.35 -11.32 -28.46
N ASN L 61 -6.17 -10.61 -29.58
CA ASN L 61 -6.57 -9.21 -29.72
C ASN L 61 -7.87 -9.13 -30.50
N SER L 62 -8.59 -8.00 -30.35
CA SER L 62 -9.58 -7.57 -31.35
C SER L 62 -9.67 -6.04 -31.32
N ALA L 63 -9.89 -5.46 -32.50
CA ALA L 63 -10.07 -4.02 -32.65
C ALA L 63 -11.57 -3.74 -32.81
N PHE L 64 -11.96 -2.48 -32.52
CA PHE L 64 -13.30 -2.01 -32.76
C PHE L 64 -13.24 -0.58 -33.28
N SER L 65 -13.78 -0.35 -34.49
CA SER L 65 -13.95 1.01 -35.03
C SER L 65 -15.43 1.36 -34.94
N PRO L 66 -15.87 2.11 -33.90
CA PRO L 66 -17.29 2.44 -33.74
C PRO L 66 -17.80 3.37 -34.84
N ASN L 67 -19.12 3.33 -35.09
CA ASN L 67 -19.81 4.39 -35.87
C ASN L 67 -19.82 5.65 -35.03
N PRO L 68 -19.44 6.81 -35.60
CA PRO L 68 -19.38 8.06 -34.85
C PRO L 68 -20.66 8.46 -34.11
N ASP L 69 -21.80 7.87 -34.48
CA ASP L 69 -23.09 8.18 -33.83
C ASP L 69 -23.36 7.23 -32.66
N GLU L 70 -22.31 6.60 -32.11
CA GLU L 70 -22.46 5.68 -31.00
C GLU L 70 -22.01 6.39 -29.71
N SER L 71 -22.83 6.28 -28.66
CA SER L 71 -22.76 7.14 -27.50
C SER L 71 -21.59 6.71 -26.62
N VAL L 72 -20.81 7.71 -26.18
CA VAL L 72 -19.55 7.46 -25.49
C VAL L 72 -19.79 6.59 -24.24
N ILE L 73 -20.99 6.69 -23.64
CA ILE L 73 -21.35 5.89 -22.45
C ILE L 73 -21.38 4.40 -22.84
N ASP L 74 -22.08 4.04 -23.93
CA ASP L 74 -22.25 2.63 -24.32
C ASP L 74 -20.90 1.99 -24.60
N LEU L 75 -19.96 2.79 -25.13
CA LEU L 75 -18.61 2.35 -25.33
C LEU L 75 -17.96 2.08 -23.96
N TYR L 76 -18.03 3.06 -23.07
CA TYR L 76 -17.40 3.01 -21.76
C TYR L 76 -17.90 1.80 -20.97
N ASN L 77 -19.19 1.50 -21.09
CA ASN L 77 -19.80 0.36 -20.40
C ASN L 77 -19.12 -0.94 -20.85
N ASN L 78 -18.78 -1.02 -22.14
CA ASN L 78 -18.27 -2.23 -22.75
C ASN L 78 -16.74 -2.30 -22.63
N PHE L 79 -16.04 -1.19 -22.86
CA PHE L 79 -14.57 -1.20 -22.94
C PHE L 79 -13.95 -0.15 -22.01
N GLY L 80 -14.69 0.30 -21.00
CA GLY L 80 -14.19 1.32 -20.06
C GLY L 80 -13.94 0.74 -18.68
N PHE L 81 -13.16 1.48 -17.89
CA PHE L 81 -12.98 1.19 -16.47
C PHE L 81 -12.68 2.49 -15.72
N ASP L 82 -13.14 2.56 -14.46
CA ASP L 82 -12.73 3.57 -13.49
C ASP L 82 -13.03 4.99 -13.97
N GLY L 83 -13.99 5.11 -14.89
CA GLY L 83 -14.42 6.41 -15.43
C GLY L 83 -13.54 6.88 -16.59
N LYS L 84 -12.81 5.93 -17.15
CA LYS L 84 -11.84 6.16 -18.20
C LYS L 84 -12.14 5.21 -19.35
N LEU L 85 -12.03 5.74 -20.57
CA LEU L 85 -12.14 5.03 -21.82
C LEU L 85 -10.90 5.39 -22.64
N VAL L 86 -10.16 4.37 -23.10
CA VAL L 86 -8.95 4.58 -23.87
C VAL L 86 -9.27 4.36 -25.35
N VAL L 87 -9.15 5.43 -26.16
CA VAL L 87 -9.33 5.33 -27.59
C VAL L 87 -7.95 5.48 -28.26
N ASN L 88 -7.63 4.54 -29.15
CA ASN L 88 -6.41 4.53 -29.91
C ASN L 88 -6.66 5.10 -31.29
N TYR L 89 -5.58 5.55 -31.94
CA TYR L 89 -5.61 6.18 -33.25
C TYR L 89 -4.31 5.87 -34.00
N ALA L 90 -4.43 5.69 -35.32
CA ALA L 90 -3.26 5.53 -36.19
C ALA L 90 -3.57 6.10 -37.58
N CYS L 91 -2.52 6.40 -38.33
CA CYS L 91 -2.70 6.96 -39.68
C CYS L 91 -2.20 5.96 -40.72
N SER L 92 -1.11 5.26 -40.41
CA SER L 92 -0.67 4.12 -41.26
C SER L 92 -0.69 2.84 -40.42
N MET L 93 -1.08 1.72 -41.04
CA MET L 93 -1.35 0.45 -40.38
C MET L 93 -1.23 -0.64 -41.46
N ALA L 94 -0.74 -1.82 -41.08
CA ALA L 94 -1.10 -3.10 -41.69
C ALA L 94 -0.62 -3.20 -43.14
N TRP L 95 -1.47 -3.73 -44.02
CA TRP L 95 -1.19 -3.84 -45.44
C TRP L 95 -2.49 -3.62 -46.22
N GLN M 12 21.72 -8.84 32.14
CA GLN M 12 22.87 -8.79 33.11
C GLN M 12 22.61 -7.64 34.12
N LYS M 13 22.33 -6.43 33.60
CA LYS M 13 21.98 -5.29 34.44
C LYS M 13 20.46 -5.11 34.49
N ILE M 14 19.95 -4.83 35.70
CA ILE M 14 18.53 -4.76 36.00
C ILE M 14 18.23 -3.32 36.42
N VAL M 15 17.08 -2.80 35.96
CA VAL M 15 16.55 -1.52 36.49
C VAL M 15 15.49 -1.88 37.52
N VAL M 16 15.63 -1.36 38.74
CA VAL M 16 14.74 -1.66 39.84
C VAL M 16 13.85 -0.43 40.08
N HIS M 17 12.53 -0.61 39.92
CA HIS M 17 11.54 0.39 40.20
C HIS M 17 11.05 0.21 41.65
N LEU M 18 11.03 1.32 42.41
CA LEU M 18 10.73 1.29 43.84
C LEU M 18 9.35 1.93 44.06
N ARG M 19 8.34 1.06 44.27
CA ARG M 19 6.95 1.44 44.33
C ARG M 19 6.56 1.60 45.80
N ALA M 20 6.07 2.81 46.14
CA ALA M 20 5.57 3.14 47.47
C ALA M 20 4.16 2.57 47.66
N THR M 21 3.98 1.74 48.69
CA THR M 21 2.71 1.16 49.04
C THR M 21 2.31 1.60 50.45
N GLY M 22 1.03 1.39 50.79
CA GLY M 22 0.50 1.56 52.13
C GLY M 22 0.81 2.92 52.75
N GLY M 23 0.67 3.98 51.95
CA GLY M 23 0.75 5.35 52.42
C GLY M 23 2.18 5.89 52.53
N ALA M 24 3.16 5.09 52.09
CA ALA M 24 4.58 5.45 52.20
C ALA M 24 4.86 6.71 51.39
N PRO M 25 5.87 7.51 51.78
CA PRO M 25 6.32 8.65 50.98
C PRO M 25 6.91 8.23 49.61
N ILE M 26 6.82 9.14 48.66
CA ILE M 26 7.43 9.08 47.34
C ILE M 26 8.93 9.43 47.45
N LEU M 27 9.73 8.75 46.62
CA LEU M 27 11.17 8.93 46.58
C LEU M 27 11.56 9.95 45.51
N LYS M 28 12.65 10.67 45.77
CA LYS M 28 13.21 11.65 44.83
C LYS M 28 13.73 10.93 43.58
N GLN M 29 14.24 9.70 43.74
CA GLN M 29 14.67 8.87 42.61
C GLN M 29 14.11 7.46 42.80
N SER M 30 13.06 7.13 42.05
CA SER M 30 12.27 5.92 42.30
C SER M 30 12.75 4.75 41.41
N LYS M 31 13.79 4.96 40.60
CA LYS M 31 14.48 3.87 39.90
C LYS M 31 15.99 4.00 40.08
N PHE M 32 16.69 2.86 40.04
CA PHE M 32 18.13 2.85 39.81
C PHE M 32 18.50 1.58 39.06
N LYS M 33 19.60 1.65 38.30
CA LYS M 33 20.14 0.52 37.59
C LYS M 33 21.15 -0.18 38.49
N VAL M 34 21.15 -1.51 38.49
CA VAL M 34 21.99 -2.30 39.37
C VAL M 34 22.50 -3.55 38.63
N SER M 35 23.77 -3.87 38.88
CA SER M 35 24.57 -4.79 38.09
C SER M 35 23.97 -6.19 38.04
N GLY M 36 23.14 -6.58 39.00
CA GLY M 36 22.52 -7.91 38.98
C GLY M 36 23.45 -9.01 39.43
N SER M 37 24.76 -8.73 39.58
CA SER M 37 25.64 -9.58 40.40
C SER M 37 25.69 -9.08 41.85
N ASP M 38 25.32 -7.81 42.06
CA ASP M 38 25.21 -7.19 43.38
C ASP M 38 24.19 -7.96 44.21
N LYS M 39 24.34 -7.86 45.53
CA LYS M 39 23.44 -8.44 46.50
C LYS M 39 22.25 -7.48 46.67
N PHE M 40 21.10 -8.04 47.03
CA PHE M 40 19.87 -7.30 47.18
C PHE M 40 20.04 -6.19 48.23
N ALA M 41 20.87 -6.44 49.25
CA ALA M 41 21.23 -5.47 50.28
C ALA M 41 21.47 -4.09 49.67
N ASN M 42 22.19 -4.04 48.55
CA ASN M 42 22.48 -2.80 47.81
C ASN M 42 21.19 -1.99 47.60
N VAL M 43 20.14 -2.68 47.16
CA VAL M 43 18.85 -2.05 46.87
C VAL M 43 18.23 -1.53 48.17
N ILE M 44 18.31 -2.33 49.23
CA ILE M 44 17.69 -2.01 50.51
C ILE M 44 18.41 -0.79 51.11
N ASP M 45 19.74 -0.85 51.15
CA ASP M 45 20.57 0.23 51.68
C ASP M 45 20.25 1.53 50.94
N PHE M 46 20.04 1.42 49.62
CA PHE M 46 19.75 2.58 48.78
C PHE M 46 18.42 3.24 49.19
N LEU M 47 17.41 2.43 49.48
CA LEU M 47 16.11 2.91 50.00
C LEU M 47 16.33 3.69 51.31
N ARG M 48 17.05 3.06 52.24
CA ARG M 48 17.20 3.59 53.60
C ARG M 48 17.93 4.95 53.54
N ARG M 49 18.90 5.06 52.64
CA ARG M 49 19.64 6.30 52.37
C ARG M 49 18.65 7.41 52.00
N GLN M 50 17.63 7.10 51.20
CA GLN M 50 16.67 8.09 50.73
C GLN M 50 15.58 8.37 51.77
N LEU M 51 15.20 7.37 52.61
CA LEU M 51 14.06 7.65 53.54
C LEU M 51 14.54 8.08 54.93
N HIS M 52 15.43 7.27 55.53
CA HIS M 52 15.76 7.29 56.97
C HIS M 52 14.53 7.33 57.88
N SER M 53 13.59 6.43 57.61
CA SER M 53 12.26 6.46 58.31
C SER M 53 12.07 5.29 59.30
N ASP M 54 13.16 4.58 59.48
CA ASP M 54 13.32 3.61 60.59
C ASP M 54 12.44 2.42 60.29
N SER M 55 11.13 2.60 60.13
CA SER M 55 10.24 1.51 59.71
C SER M 55 10.30 1.34 58.20
N LEU M 56 10.39 0.08 57.73
CA LEU M 56 10.62 -0.19 56.32
C LEU M 56 10.38 -1.66 56.02
N PHE M 57 9.35 -1.95 55.20
CA PHE M 57 9.13 -3.23 54.55
C PHE M 57 9.68 -3.17 53.13
N VAL M 58 10.33 -4.25 52.68
CA VAL M 58 10.74 -4.40 51.27
C VAL M 58 10.31 -5.77 50.77
N TYR M 59 9.45 -5.78 49.75
CA TYR M 59 8.98 -6.99 49.14
C TYR M 59 8.72 -6.78 47.65
N VAL M 60 8.63 -7.90 46.93
CA VAL M 60 8.30 -7.89 45.51
C VAL M 60 7.02 -8.70 45.28
N ASN M 61 6.14 -8.15 44.46
CA ASN M 61 4.75 -8.61 44.34
C ASN M 61 4.60 -9.50 43.13
N SER M 62 3.56 -10.34 43.15
CA SER M 62 3.05 -10.97 41.91
C SER M 62 1.57 -11.30 42.08
N ALA M 63 0.81 -11.13 41.01
CA ALA M 63 -0.63 -11.41 40.99
C ALA M 63 -0.84 -12.76 40.28
N PHE M 64 -2.00 -13.38 40.54
CA PHE M 64 -2.40 -14.59 39.90
C PHE M 64 -3.93 -14.55 39.71
N SER M 65 -4.39 -14.69 38.46
CA SER M 65 -5.79 -14.89 38.13
C SER M 65 -6.02 -16.36 37.82
N PRO M 66 -6.57 -17.15 38.77
CA PRO M 66 -6.83 -18.57 38.53
C PRO M 66 -7.93 -18.80 37.48
N ASN M 67 -7.90 -19.96 36.82
CA ASN M 67 -8.95 -20.37 35.89
C ASN M 67 -10.20 -20.73 36.69
N PRO M 68 -11.37 -20.18 36.32
CA PRO M 68 -12.59 -20.35 37.14
C PRO M 68 -12.99 -21.81 37.41
N ASP M 69 -12.44 -22.77 36.63
CA ASP M 69 -12.73 -24.18 36.78
C ASP M 69 -11.75 -24.86 37.73
N GLU M 70 -11.08 -24.09 38.60
CA GLU M 70 -10.14 -24.62 39.56
C GLU M 70 -10.83 -24.68 40.93
N SER M 71 -10.67 -25.81 41.63
CA SER M 71 -11.34 -26.04 42.90
C SER M 71 -10.64 -25.23 44.00
N VAL M 72 -11.42 -24.52 44.83
CA VAL M 72 -10.87 -23.51 45.75
C VAL M 72 -9.81 -24.14 46.66
N ILE M 73 -9.96 -25.46 46.96
CA ILE M 73 -9.03 -26.16 47.83
C ILE M 73 -7.66 -26.24 47.12
N ASP M 74 -7.63 -26.68 45.86
CA ASP M 74 -6.37 -26.92 45.14
C ASP M 74 -5.60 -25.60 45.01
N LEU M 75 -6.32 -24.49 44.90
CA LEU M 75 -5.73 -23.17 44.91
C LEU M 75 -5.08 -22.92 46.28
N TYR M 76 -5.88 -23.11 47.34
CA TYR M 76 -5.46 -22.83 48.69
C TYR M 76 -4.19 -23.62 49.04
N ASN M 77 -4.14 -24.88 48.59
CA ASN M 77 -3.02 -25.76 48.85
C ASN M 77 -1.74 -25.15 48.27
N ASN M 78 -1.86 -24.52 47.10
CA ASN M 78 -0.71 -24.04 46.36
C ASN M 78 -0.36 -22.60 46.78
N PHE M 79 -1.37 -21.72 46.92
CA PHE M 79 -1.13 -20.30 47.17
C PHE M 79 -1.87 -19.77 48.40
N GLY M 80 -2.25 -20.66 49.32
CA GLY M 80 -3.06 -20.25 50.47
C GLY M 80 -2.32 -20.34 51.79
N PHE M 81 -2.97 -19.83 52.84
CA PHE M 81 -2.42 -20.02 54.19
C PHE M 81 -3.50 -20.45 55.18
N ASP M 82 -3.11 -21.40 56.03
CA ASP M 82 -3.84 -21.78 57.25
C ASP M 82 -5.28 -22.23 56.92
N GLY M 83 -6.26 -21.41 57.25
CA GLY M 83 -7.64 -21.68 56.86
C GLY M 83 -8.18 -20.57 56.01
N LYS M 84 -7.30 -19.67 55.51
CA LYS M 84 -7.81 -18.42 54.94
C LYS M 84 -7.27 -18.20 53.53
N LEU M 85 -8.18 -17.80 52.64
CA LEU M 85 -7.86 -17.50 51.24
C LEU M 85 -8.36 -16.10 50.91
N VAL M 86 -7.42 -15.25 50.51
CA VAL M 86 -7.75 -13.83 50.25
C VAL M 86 -7.73 -13.67 48.74
N VAL M 87 -8.88 -13.37 48.13
CA VAL M 87 -8.90 -13.04 46.70
C VAL M 87 -9.17 -11.53 46.53
N ASN M 88 -8.32 -10.87 45.74
CA ASN M 88 -8.39 -9.45 45.51
C ASN M 88 -9.13 -9.19 44.18
N TYR M 89 -9.63 -7.96 44.05
CA TYR M 89 -10.34 -7.50 42.88
C TYR M 89 -10.10 -6.01 42.66
N ALA M 90 -10.00 -5.60 41.40
CA ALA M 90 -9.83 -4.19 41.01
C ALA M 90 -10.42 -3.98 39.62
N CYS M 91 -10.68 -2.71 39.28
CA CYS M 91 -11.14 -2.33 37.96
C CYS M 91 -10.07 -1.49 37.24
N SER M 92 -8.81 -1.49 37.70
CA SER M 92 -7.83 -0.48 37.29
C SER M 92 -8.47 0.60 36.41
N GLN N 12 -11.80 -29.68 53.95
CA GLN N 12 -12.03 -28.47 54.77
C GLN N 12 -12.70 -27.39 53.91
N LYS N 13 -13.65 -26.68 54.51
CA LYS N 13 -14.35 -25.56 53.86
C LYS N 13 -13.72 -24.23 54.33
N ILE N 14 -13.53 -23.31 53.37
CA ILE N 14 -12.72 -22.12 53.56
C ILE N 14 -13.62 -20.89 53.44
N VAL N 15 -13.36 -19.91 54.31
CA VAL N 15 -14.01 -18.60 54.26
C VAL N 15 -13.10 -17.64 53.48
N VAL N 16 -13.66 -17.02 52.45
CA VAL N 16 -12.89 -16.28 51.46
C VAL N 16 -13.15 -14.78 51.66
N HIS N 17 -12.07 -14.05 51.96
CA HIS N 17 -12.07 -12.61 52.13
C HIS N 17 -11.78 -11.92 50.80
N LEU N 18 -12.59 -10.93 50.47
CA LEU N 18 -12.54 -10.22 49.18
C LEU N 18 -11.98 -8.81 49.40
N ARG N 19 -10.71 -8.62 49.03
CA ARG N 19 -10.01 -7.36 49.25
C ARG N 19 -10.10 -6.47 47.99
N ALA N 20 -10.68 -5.28 48.18
CA ALA N 20 -10.93 -4.32 47.12
C ALA N 20 -9.65 -3.54 46.85
N THR N 21 -9.19 -3.56 45.59
CA THR N 21 -8.00 -2.83 45.17
C THR N 21 -8.38 -1.77 44.14
N GLY N 22 -7.44 -0.83 43.91
CA GLY N 22 -7.45 0.07 42.76
C GLY N 22 -8.73 0.86 42.63
N GLY N 23 -9.25 1.35 43.76
CA GLY N 23 -10.36 2.29 43.80
C GLY N 23 -11.72 1.61 43.74
N ALA N 24 -11.75 0.27 43.64
CA ALA N 24 -12.99 -0.48 43.50
C ALA N 24 -13.81 -0.33 44.77
N PRO N 25 -15.16 -0.43 44.72
CA PRO N 25 -15.98 -0.48 45.93
C PRO N 25 -15.77 -1.77 46.73
N ILE N 26 -15.92 -1.70 48.05
CA ILE N 26 -16.34 -2.92 48.83
C ILE N 26 -17.87 -2.95 48.82
N SER N 35 -19.11 -20.58 50.33
CA SER N 35 -17.99 -20.38 51.27
C SER N 35 -17.38 -21.76 51.67
N GLY N 36 -17.14 -22.54 50.62
CA GLY N 36 -16.64 -23.92 50.73
C GLY N 36 -15.73 -24.29 49.56
N SER N 37 -15.45 -25.59 49.40
CA SER N 37 -14.72 -26.05 48.21
C SER N 37 -15.68 -26.39 47.04
N ASP N 38 -15.76 -25.37 46.22
CA ASP N 38 -16.45 -25.33 44.91
C ASP N 38 -15.41 -24.95 43.84
N LYS N 39 -15.88 -24.63 42.63
CA LYS N 39 -15.08 -24.04 41.58
C LYS N 39 -14.98 -22.54 41.83
N PHE N 40 -13.86 -21.93 41.42
CA PHE N 40 -13.58 -20.54 41.71
C PHE N 40 -14.67 -19.65 41.09
N ALA N 41 -15.21 -20.08 39.94
CA ALA N 41 -16.30 -19.42 39.23
C ALA N 41 -17.37 -18.93 40.23
N ASN N 42 -17.71 -19.80 41.20
CA ASN N 42 -18.71 -19.48 42.23
C ASN N 42 -18.39 -18.13 42.87
N VAL N 43 -17.11 -17.92 43.20
CA VAL N 43 -16.65 -16.71 43.89
C VAL N 43 -16.80 -15.52 42.93
N ILE N 44 -16.42 -15.72 41.66
CA ILE N 44 -16.42 -14.65 40.67
C ILE N 44 -17.86 -14.23 40.41
N ASP N 45 -18.73 -15.21 40.14
CA ASP N 45 -20.14 -14.95 39.86
C ASP N 45 -20.75 -14.16 41.01
N PHE N 46 -20.37 -14.54 42.25
CA PHE N 46 -20.91 -13.91 43.45
C PHE N 46 -20.53 -12.42 43.49
N LEU N 47 -19.29 -12.09 43.15
CA LEU N 47 -18.82 -10.71 43.06
C LEU N 47 -19.69 -9.93 42.07
N ARG N 48 -19.84 -10.48 40.86
CA ARG N 48 -20.49 -9.78 39.75
C ARG N 48 -21.95 -9.48 40.12
N ARG N 49 -22.58 -10.44 40.81
CA ARG N 49 -23.96 -10.30 41.31
C ARG N 49 -24.06 -9.05 42.18
N GLN N 50 -23.05 -8.81 43.03
CA GLN N 50 -23.07 -7.71 44.00
C GLN N 50 -22.63 -6.39 43.35
N LEU N 51 -21.72 -6.44 42.37
CA LEU N 51 -21.05 -5.25 41.83
C LEU N 51 -21.80 -4.68 40.61
N HIS N 52 -22.22 -5.53 39.67
CA HIS N 52 -22.77 -5.11 38.39
C HIS N 52 -21.82 -4.15 37.65
N SER N 53 -20.52 -4.52 37.61
CA SER N 53 -19.50 -3.66 36.99
C SER N 53 -18.95 -4.29 35.70
N ASP N 54 -18.88 -3.49 34.64
CA ASP N 54 -18.36 -3.88 33.34
C ASP N 54 -16.93 -4.43 33.48
N SER N 55 -16.02 -3.60 34.03
CA SER N 55 -14.65 -4.04 34.27
C SER N 55 -14.57 -4.76 35.61
N LEU N 56 -13.86 -5.89 35.66
CA LEU N 56 -13.39 -6.42 36.92
C LEU N 56 -12.26 -7.43 36.65
N PHE N 57 -11.15 -7.19 37.34
CA PHE N 57 -10.02 -8.10 37.51
C PHE N 57 -10.18 -8.81 38.86
N VAL N 58 -9.94 -10.14 38.88
CA VAL N 58 -10.00 -10.94 40.09
C VAL N 58 -8.75 -11.82 40.16
N TYR N 59 -7.96 -11.61 41.21
CA TYR N 59 -6.69 -12.25 41.37
C TYR N 59 -6.39 -12.46 42.85
N VAL N 60 -5.40 -13.35 43.10
CA VAL N 60 -4.88 -13.57 44.44
C VAL N 60 -3.39 -13.16 44.49
N ASN N 61 -3.07 -12.45 45.57
CA ASN N 61 -1.82 -11.72 45.70
C ASN N 61 -0.83 -12.55 46.51
N SER N 62 0.47 -12.26 46.31
CA SER N 62 1.51 -12.78 47.18
C SER N 62 2.67 -11.78 47.27
N ALA N 63 3.29 -11.73 48.44
CA ALA N 63 4.46 -10.92 48.70
C ALA N 63 5.70 -11.83 48.67
N PHE N 64 6.87 -11.23 48.47
CA PHE N 64 8.15 -11.85 48.75
C PHE N 64 9.07 -10.80 49.35
N SER N 65 9.58 -11.06 50.56
CA SER N 65 10.63 -10.23 51.18
C SER N 65 11.95 -10.96 51.06
N PRO N 66 12.81 -10.64 50.06
CA PRO N 66 14.06 -11.34 49.85
C PRO N 66 15.07 -11.13 50.97
N ASN N 67 15.97 -12.11 51.16
CA ASN N 67 17.14 -11.95 52.04
C ASN N 67 18.10 -10.97 51.35
N PRO N 68 18.61 -9.95 52.07
CA PRO N 68 19.50 -8.97 51.46
C PRO N 68 20.73 -9.53 50.74
N ASP N 69 21.10 -10.77 51.02
CA ASP N 69 22.27 -11.42 50.39
C ASP N 69 21.87 -12.15 49.09
N GLU N 70 20.72 -11.82 48.53
CA GLU N 70 20.22 -12.51 47.34
C GLU N 70 20.39 -11.57 46.14
N SER N 71 20.94 -12.12 45.04
CA SER N 71 21.46 -11.36 43.93
C SER N 71 20.31 -10.81 43.09
N VAL N 72 20.36 -9.51 42.75
CA VAL N 72 19.23 -8.84 42.12
C VAL N 72 18.82 -9.55 40.82
N ILE N 73 19.75 -10.21 40.17
CA ILE N 73 19.53 -11.03 38.96
C ILE N 73 18.55 -12.17 39.29
N ASP N 74 18.81 -12.96 40.34
CA ASP N 74 18.00 -14.15 40.65
C ASP N 74 16.56 -13.74 40.96
N LEU N 75 16.41 -12.54 41.54
CA LEU N 75 15.10 -11.95 41.76
C LEU N 75 14.44 -11.66 40.40
N TYR N 76 15.19 -10.95 39.54
CA TYR N 76 14.70 -10.51 38.24
C TYR N 76 14.26 -11.72 37.40
N ASN N 77 15.01 -12.81 37.48
CA ASN N 77 14.73 -14.04 36.75
C ASN N 77 13.34 -14.56 37.16
N ASN N 78 13.01 -14.43 38.45
CA ASN N 78 11.80 -15.01 39.01
C ASN N 78 10.62 -14.03 38.90
N PHE N 79 10.84 -12.74 39.21
CA PHE N 79 9.76 -11.76 39.25
C PHE N 79 10.02 -10.53 38.37
N GLY N 80 10.88 -10.67 37.37
CA GLY N 80 11.23 -9.56 36.48
C GLY N 80 10.68 -9.75 35.08
N PHE N 81 10.62 -8.65 34.33
CA PHE N 81 10.32 -8.65 32.90
C PHE N 81 10.97 -7.42 32.24
N ASP N 82 11.30 -7.57 30.96
CA ASP N 82 11.82 -6.55 30.07
C ASP N 82 13.33 -6.32 30.38
N GLY N 83 13.74 -6.43 31.59
CA GLY N 83 14.95 -5.79 32.14
C GLY N 83 14.60 -4.89 33.31
N LYS N 84 13.40 -5.09 33.86
CA LYS N 84 12.83 -4.31 34.93
C LYS N 84 12.35 -5.29 36.01
N LEU N 85 12.55 -4.88 37.26
CA LEU N 85 12.12 -5.54 38.46
C LEU N 85 11.39 -4.50 39.30
N VAL N 86 10.16 -4.80 39.72
CA VAL N 86 9.35 -3.86 40.49
C VAL N 86 9.41 -4.26 41.98
N VAL N 87 10.02 -3.41 42.79
CA VAL N 87 10.15 -3.62 44.22
C VAL N 87 9.27 -2.59 44.92
N ASN N 88 8.42 -3.07 45.85
CA ASN N 88 7.61 -2.21 46.67
C ASN N 88 8.29 -1.94 48.01
N TYR N 89 7.87 -0.86 48.65
CA TYR N 89 8.29 -0.50 50.00
C TYR N 89 7.13 0.18 50.75
N ALA N 90 7.00 -0.10 52.02
CA ALA N 90 5.80 0.30 52.80
C ALA N 90 6.20 0.31 54.29
N CYS N 91 5.36 0.97 55.10
CA CYS N 91 5.20 0.74 56.52
C CYS N 91 3.71 0.40 56.68
N SER N 92 3.32 -0.85 56.43
CA SER N 92 1.94 -1.18 56.04
C SER N 92 1.34 -2.20 57.01
N MET N 93 0.03 -2.40 56.88
CA MET N 93 -0.78 -3.29 57.71
C MET N 93 -0.24 -3.23 59.14
N ILE O 3 13.25 22.27 37.56
CA ILE O 3 12.27 22.16 38.70
C ILE O 3 11.10 23.12 38.45
N PRO O 4 9.94 22.63 37.96
CA PRO O 4 8.75 23.45 37.78
C PRO O 4 7.70 23.23 38.88
N ASP O 5 7.05 24.31 39.35
CA ASP O 5 6.04 24.27 40.45
C ASP O 5 4.72 24.88 39.96
N MET O 6 3.66 24.06 39.88
CA MET O 6 2.33 24.54 39.48
C MET O 6 1.76 25.40 40.61
N GLU O 7 0.83 26.31 40.27
CA GLU O 7 0.06 27.13 41.21
C GLU O 7 1.01 28.07 41.96
N ASP P 2 -3.37 -3.00 15.10
CA ASP P 2 -2.44 -1.87 15.34
C ASP P 2 -1.02 -2.41 15.48
N ILE P 3 -0.07 -1.49 15.39
CA ILE P 3 1.34 -1.75 15.60
C ILE P 3 1.70 -1.25 16.99
N PRO P 4 2.35 -2.10 17.82
CA PRO P 4 2.81 -1.70 19.16
C PRO P 4 3.84 -0.56 19.09
N ASP P 5 3.83 0.31 20.11
CA ASP P 5 4.75 1.43 20.22
C ASP P 5 6.01 0.96 20.98
N MET P 6 7.14 1.62 20.69
CA MET P 6 8.41 1.38 21.40
C MET P 6 8.67 2.56 22.34
N GLU P 7 8.88 2.26 23.62
CA GLU P 7 9.15 3.25 24.66
C GLU P 7 8.00 4.26 24.68
N ASP Q 2 1.53 -2.99 -1.16
CA ASP Q 2 1.46 -1.88 -0.16
C ASP Q 2 -0.01 -1.59 0.13
N ILE Q 3 -0.26 -0.65 1.05
CA ILE Q 3 -1.53 0.08 1.07
C ILE Q 3 -1.49 1.00 -0.14
N PRO Q 4 -2.40 0.81 -1.14
CA PRO Q 4 -2.29 1.49 -2.43
C PRO Q 4 -2.23 3.02 -2.27
N ASP Q 5 -1.34 3.65 -3.03
CA ASP Q 5 -1.33 5.09 -3.13
C ASP Q 5 -2.53 5.51 -3.99
N MET Q 6 -3.32 6.49 -3.49
CA MET Q 6 -4.61 6.88 -4.09
C MET Q 6 -4.39 7.32 -5.54
N GLU Q 7 -5.34 6.94 -6.42
CA GLU Q 7 -5.26 7.21 -7.86
C GLU Q 7 -5.62 8.68 -8.14
N ILE R 3 -21.78 -1.47 -62.99
CA ILE R 3 -22.68 -2.66 -63.13
C ILE R 3 -23.96 -2.41 -62.33
N PRO R 4 -23.88 -2.21 -60.99
CA PRO R 4 -25.04 -1.87 -60.15
C PRO R 4 -25.03 -0.42 -59.66
N ASP R 5 -26.20 0.17 -59.48
CA ASP R 5 -26.31 1.54 -58.97
C ASP R 5 -27.25 1.52 -57.75
N MET R 6 -26.78 2.10 -56.64
CA MET R 6 -27.58 2.23 -55.41
C MET R 6 -27.51 3.67 -54.91
N GLU R 7 -28.45 4.05 -54.04
CA GLU R 7 -28.55 5.40 -53.48
C GLU R 7 -28.99 5.32 -52.01
#